data_6XR2
#
_entry.id   6XR2
#
_cell.length_a   57.647
_cell.length_b   78.930
_cell.length_c   112.694
_cell.angle_alpha   90.000
_cell.angle_beta   93.820
_cell.angle_gamma   90.000
#
_symmetry.space_group_name_H-M   'P 1 21 1'
#
loop_
_entity.id
_entity.type
_entity.pdbx_description
1 polymer dTor_3x57R
2 water water
#
_entity_poly.entity_id   1
_entity_poly.type   'polypeptide(L)'
_entity_poly.pdbx_seq_one_letter_code
;GNLELALKALQILVNAAYVLAEIARDRGNEELLEKAARLAEEAARQAEEIARQARKEGNLELALKALQILVNAAYVLAEI
ARDRGNEELLEKAARLAEEAARQAEEIARQARKEGNLELALKALQILVNAAYVLAEIARDRGNEELLEKAARLAEEAARQ
AEEIARQARKEG
;
_entity_poly.pdbx_strand_id   A,B,C,D,E,F
#
# COMPACT_ATOMS: atom_id res chain seq x y z
N GLY A 1 20.31 22.03 0.62
CA GLY A 1 20.62 21.67 1.99
C GLY A 1 20.77 22.87 2.90
N ASN A 2 21.61 22.72 3.94
CA ASN A 2 21.90 23.76 4.92
C ASN A 2 20.69 24.02 5.82
N LEU A 3 20.75 25.09 6.61
CA LEU A 3 19.62 25.51 7.44
C LEU A 3 18.36 25.77 6.61
N GLU A 4 18.50 25.88 5.29
CA GLU A 4 17.33 25.83 4.41
C GLU A 4 16.50 24.57 4.65
N LEU A 5 17.18 23.44 4.93
CA LEU A 5 16.47 22.19 5.17
C LEU A 5 15.59 22.29 6.40
N ALA A 6 16.03 23.03 7.42
CA ALA A 6 15.15 23.30 8.56
C ALA A 6 13.91 24.05 8.10
N LEU A 7 14.07 25.10 7.30
CA LEU A 7 12.92 25.87 6.85
C LEU A 7 11.94 25.01 6.06
N LYS A 8 12.45 24.18 5.14
CA LYS A 8 11.58 23.30 4.39
C LYS A 8 10.90 22.29 5.30
N ALA A 9 11.58 21.85 6.35
CA ALA A 9 10.94 21.04 7.38
C ALA A 9 9.93 21.86 8.17
N LEU A 10 10.26 23.13 8.46
CA LEU A 10 9.33 23.99 9.18
C LEU A 10 8.07 24.24 8.38
N GLN A 11 8.19 24.37 7.05
CA GLN A 11 7.00 24.59 6.23
C GLN A 11 6.04 23.41 6.32
N ILE A 12 6.57 22.20 6.46
CA ILE A 12 5.71 21.02 6.62
C ILE A 12 4.99 21.04 7.96
N LEU A 13 5.58 21.66 8.99
CA LEU A 13 4.90 21.79 10.27
C LEU A 13 3.65 22.66 10.15
N VAL A 14 3.77 23.75 9.41
CA VAL A 14 2.62 24.67 9.20
C VAL A 14 1.65 23.96 8.26
N ASN A 15 2.12 23.15 7.34
CA ASN A 15 1.16 22.49 6.44
C ASN A 15 0.36 21.42 7.21
N ALA A 16 1.04 20.63 8.02
CA ALA A 16 0.42 19.56 8.83
C ALA A 16 -0.48 20.17 9.89
N ALA A 17 -0.03 21.26 10.52
CA ALA A 17 -0.85 22.01 11.47
C ALA A 17 -2.15 22.35 10.74
N TYR A 18 -2.10 22.94 9.56
CA TYR A 18 -3.34 23.26 8.82
C TYR A 18 -4.20 22.03 8.60
N VAL A 19 -3.66 20.91 8.13
CA VAL A 19 -4.60 19.77 7.93
C VAL A 19 -5.29 19.41 9.27
N LEU A 20 -4.54 19.31 10.36
CA LEU A 20 -5.15 19.01 11.69
C LEU A 20 -6.22 20.05 12.00
N ALA A 21 -5.86 21.32 11.82
CA ALA A 21 -6.77 22.44 12.06
C ALA A 21 -8.07 22.18 11.31
N GLU A 22 -8.03 22.01 10.00
CA GLU A 22 -9.25 21.78 9.19
C GLU A 22 -10.09 20.66 9.81
N ILE A 23 -9.45 19.52 10.06
CA ILE A 23 -10.11 18.33 10.67
C ILE A 23 -10.82 18.73 11.98
N ALA A 24 -10.10 19.20 12.99
CA ALA A 24 -10.81 19.51 14.26
C ALA A 24 -11.72 20.75 14.14
N ARG A 25 -11.48 21.63 13.19
CA ARG A 25 -12.33 22.82 12.99
C ARG A 25 -13.74 22.34 12.73
N ASP A 26 -13.95 21.53 11.70
CA ASP A 26 -15.30 21.05 11.32
C ASP A 26 -15.76 19.96 12.30
N ARG A 27 -15.02 18.87 12.40
CA ARG A 27 -15.42 17.77 13.30
C ARG A 27 -15.08 18.12 14.75
N GLY A 28 -15.93 18.96 15.38
CA GLY A 28 -15.86 19.47 16.78
C GLY A 28 -14.97 18.64 17.68
N ASN A 29 -13.84 19.23 18.07
CA ASN A 29 -12.76 18.55 18.84
C ASN A 29 -11.59 19.51 19.04
N GLU A 30 -11.46 20.07 20.24
CA GLU A 30 -10.44 21.02 20.67
C GLU A 30 -9.09 20.38 21.01
N GLU A 31 -9.02 19.06 21.14
CA GLU A 31 -7.74 18.43 21.46
C GLU A 31 -6.79 18.52 20.26
N LEU A 32 -7.28 18.19 19.07
CA LEU A 32 -6.47 18.38 17.87
C LEU A 32 -6.10 19.85 17.68
N LEU A 33 -7.03 20.76 17.96
CA LEU A 33 -6.80 22.18 17.71
C LEU A 33 -5.63 22.73 18.50
N GLU A 34 -5.50 22.34 19.77
CA GLU A 34 -4.40 22.88 20.56
C GLU A 34 -3.10 22.17 20.21
N LYS A 35 -3.20 20.94 19.70
CA LYS A 35 -2.03 20.29 19.15
C LYS A 35 -1.62 20.98 17.87
N ALA A 36 -2.56 21.11 16.93
CA ALA A 36 -2.26 21.78 15.66
C ALA A 36 -1.87 23.23 15.88
N ALA A 37 -2.53 23.91 16.82
CA ALA A 37 -2.11 25.27 17.16
C ALA A 37 -0.67 25.27 17.63
N ARG A 38 -0.31 24.35 18.53
CA ARG A 38 1.06 24.28 19.01
C ARG A 38 2.01 23.90 17.88
N LEU A 39 1.59 22.98 17.01
CA LEU A 39 2.41 22.63 15.86
C LEU A 39 2.66 23.85 14.99
N ALA A 40 1.61 24.61 14.68
CA ALA A 40 1.76 25.82 13.89
C ALA A 40 2.51 26.90 14.67
N GLU A 41 2.18 27.05 15.96
CA GLU A 41 2.84 28.05 16.80
C GLU A 41 4.34 27.75 16.95
N GLU A 42 4.74 26.49 16.84
CA GLU A 42 6.13 26.13 17.06
C GLU A 42 7.01 26.52 15.86
N ALA A 43 6.60 26.09 14.66
CA ALA A 43 7.32 26.44 13.44
C ALA A 43 7.46 27.95 13.26
N ALA A 44 6.55 28.73 13.84
CA ALA A 44 6.68 30.18 13.75
C ALA A 44 7.83 30.68 14.61
N ARG A 45 7.98 30.14 15.82
CA ARG A 45 9.11 30.51 16.66
C ARG A 45 10.42 30.05 16.04
N GLN A 46 10.46 28.84 15.49
CA GLN A 46 11.66 28.34 14.84
C GLN A 46 12.07 29.23 13.67
N ALA A 47 11.10 29.65 12.86
CA ALA A 47 11.40 30.48 11.71
C ALA A 47 11.93 31.85 12.14
N GLU A 48 11.43 32.38 13.26
CA GLU A 48 11.87 33.68 13.73
C GLU A 48 13.37 33.70 14.03
N GLU A 49 13.89 32.63 14.64
CA GLU A 49 15.31 32.60 14.99
C GLU A 49 16.19 32.45 13.75
N ILE A 50 15.81 31.56 12.82
CA ILE A 50 16.59 31.37 11.61
C ILE A 50 16.63 32.65 10.78
N ALA A 51 15.55 33.44 10.81
CA ALA A 51 15.56 34.75 10.16
C ALA A 51 16.70 35.60 10.70
N ARG A 52 16.76 35.78 12.02
CA ARG A 52 17.82 36.58 12.62
C ARG A 52 19.19 35.99 12.32
N GLN A 53 19.33 34.67 12.41
CA GLN A 53 20.61 34.03 12.12
C GLN A 53 21.05 34.29 10.69
N ALA A 54 20.10 34.25 9.76
CA ALA A 54 20.43 34.55 8.36
C ALA A 54 20.68 36.04 8.14
N ARG A 55 19.98 36.91 8.88
CA ARG A 55 20.20 38.34 8.74
C ARG A 55 21.65 38.71 9.01
N LYS A 56 22.25 38.08 10.01
CA LYS A 56 23.56 38.51 10.50
C LYS A 56 24.68 38.10 9.55
N GLU A 57 24.70 36.83 9.14
CA GLU A 57 25.77 36.36 8.28
C GLU A 57 25.87 37.18 7.00
N GLY A 58 24.73 37.47 6.39
CA GLY A 58 24.68 38.28 5.19
C GLY A 58 23.58 37.80 4.26
N ASN A 59 23.29 36.51 4.33
CA ASN A 59 22.29 35.89 3.48
C ASN A 59 20.92 36.48 3.79
N LEU A 60 20.39 37.28 2.88
CA LEU A 60 19.07 37.86 3.06
C LEU A 60 17.96 36.94 2.59
N GLU A 61 18.29 35.98 1.72
CA GLU A 61 17.28 35.06 1.21
C GLU A 61 16.81 34.10 2.30
N LEU A 62 17.75 33.41 2.96
CA LEU A 62 17.37 32.53 4.07
C LEU A 62 16.54 33.30 5.10
N ALA A 63 16.88 34.57 5.33
CA ALA A 63 16.04 35.43 6.15
C ALA A 63 14.66 35.61 5.51
N LEU A 64 14.63 35.84 4.20
CA LEU A 64 13.37 36.00 3.50
C LEU A 64 12.58 34.70 3.48
N LYS A 65 13.24 33.58 3.20
CA LYS A 65 12.55 32.29 3.21
C LYS A 65 11.99 31.96 4.58
N ALA A 66 12.68 32.38 5.65
CA ALA A 66 12.13 32.21 6.98
C ALA A 66 10.98 33.18 7.23
N LEU A 67 11.07 34.40 6.71
CA LEU A 67 10.00 35.38 6.92
C LEU A 67 8.70 34.94 6.27
N GLN A 68 8.80 34.23 5.14
CA GLN A 68 7.61 33.68 4.49
C GLN A 68 6.96 32.59 5.34
N ILE A 69 7.74 31.84 6.13
CA ILE A 69 7.17 30.81 6.98
C ILE A 69 6.40 31.45 8.13
N LEU A 70 6.84 32.62 8.59
CA LEU A 70 6.05 33.38 9.56
C LEU A 70 4.69 33.76 8.99
N VAL A 71 4.66 34.22 7.73
CA VAL A 71 3.41 34.56 7.09
C VAL A 71 2.53 33.32 6.98
N ASN A 72 3.10 32.20 6.53
CA ASN A 72 2.32 30.98 6.36
C ASN A 72 1.92 30.38 7.70
N ALA A 73 2.79 30.50 8.72
CA ALA A 73 2.41 30.00 10.05
C ALA A 73 1.34 30.88 10.69
N ALA A 74 1.49 32.20 10.57
CA ALA A 74 0.48 33.10 11.12
C ALA A 74 -0.89 32.88 10.49
N TYR A 75 -0.91 32.41 9.23
CA TYR A 75 -2.18 32.15 8.55
C TYR A 75 -2.92 31.01 9.23
N VAL A 76 -2.23 29.90 9.50
CA VAL A 76 -2.85 28.76 10.17
C VAL A 76 -3.23 29.14 11.59
N LEU A 77 -2.38 29.93 12.26
CA LEU A 77 -2.67 30.32 13.63
C LEU A 77 -3.88 31.22 13.73
N ALA A 78 -4.10 32.06 12.72
CA ALA A 78 -5.31 32.87 12.67
C ALA A 78 -6.56 32.02 12.47
N GLU A 79 -6.44 30.98 11.64
CA GLU A 79 -7.59 30.15 11.32
C GLU A 79 -8.15 29.48 12.57
N ILE A 80 -7.31 28.81 13.35
CA ILE A 80 -7.78 28.24 14.61
C ILE A 80 -8.44 29.32 15.47
N ALA A 81 -7.86 30.52 15.47
CA ALA A 81 -8.39 31.61 16.28
C ALA A 81 -9.79 32.02 15.83
N ARG A 82 -10.06 32.04 14.52
CA ARG A 82 -11.38 32.40 14.06
C ARG A 82 -12.42 31.37 14.46
N ASP A 83 -12.14 30.07 14.23
CA ASP A 83 -13.09 29.02 14.57
C ASP A 83 -13.22 28.86 16.08
N ARG A 84 -12.09 28.81 16.80
CA ARG A 84 -12.07 28.59 18.23
C ARG A 84 -12.48 29.83 19.02
N GLY A 85 -12.69 30.96 18.35
CA GLY A 85 -13.13 32.17 19.01
C GLY A 85 -12.12 32.78 19.97
N ASN A 86 -10.87 32.33 19.94
CA ASN A 86 -9.83 32.86 20.81
C ASN A 86 -9.38 34.19 20.22
N GLU A 87 -9.93 35.29 20.75
CA GLU A 87 -9.55 36.61 20.26
C GLU A 87 -8.13 36.99 20.65
N GLU A 88 -7.51 36.25 21.58
CA GLU A 88 -6.11 36.45 21.92
C GLU A 88 -5.18 35.81 20.90
N LEU A 89 -5.57 34.65 20.36
CA LEU A 89 -4.73 34.00 19.36
C LEU A 89 -4.73 34.80 18.06
N LEU A 90 -5.89 35.33 17.65
CA LEU A 90 -5.90 36.22 16.49
C LEU A 90 -4.87 37.34 16.63
N GLU A 91 -4.58 37.74 17.86
CA GLU A 91 -3.58 38.78 18.09
C GLU A 91 -2.17 38.27 17.87
N LYS A 92 -1.84 37.11 18.47
CA LYS A 92 -0.50 36.56 18.32
C LYS A 92 -0.20 36.26 16.85
N ALA A 93 -1.16 35.67 16.14
CA ALA A 93 -0.99 35.46 14.71
C ALA A 93 -0.86 36.77 13.95
N ALA A 94 -1.56 37.82 14.40
CA ALA A 94 -1.45 39.11 13.72
C ALA A 94 -0.07 39.72 13.95
N ARG A 95 0.42 39.67 15.19
CA ARG A 95 1.76 40.16 15.47
C ARG A 95 2.81 39.40 14.68
N LEU A 96 2.57 38.10 14.47
CA LEU A 96 3.47 37.28 13.67
C LEU A 96 3.52 37.78 12.23
N ALA A 97 2.35 38.07 11.66
CA ALA A 97 2.27 38.62 10.30
C ALA A 97 2.86 40.02 10.25
N GLU A 98 2.66 40.82 11.30
CA GLU A 98 3.14 42.20 11.29
C GLU A 98 4.67 42.26 11.28
N GLU A 99 5.32 41.31 11.93
CA GLU A 99 6.79 41.26 11.92
C GLU A 99 7.33 40.96 10.53
N ALA A 100 6.81 39.92 9.89
CA ALA A 100 7.30 39.52 8.56
C ALA A 100 7.18 40.66 7.55
N ALA A 101 6.05 41.37 7.56
CA ALA A 101 5.93 42.52 6.67
C ALA A 101 6.96 43.59 7.00
N ARG A 102 7.16 43.86 8.30
CA ARG A 102 8.13 44.87 8.71
C ARG A 102 9.55 44.44 8.36
N GLN A 103 9.89 43.18 8.66
CA GLN A 103 11.24 42.70 8.42
C GLN A 103 11.53 42.62 6.91
N ALA A 104 10.52 42.26 6.11
CA ALA A 104 10.68 42.27 4.66
C ALA A 104 10.95 43.68 4.16
N GLU A 105 10.26 44.68 4.73
CA GLU A 105 10.48 46.07 4.35
C GLU A 105 11.95 46.47 4.46
N GLU A 106 12.62 46.05 5.53
CA GLU A 106 14.05 46.31 5.66
C GLU A 106 14.82 45.66 4.52
N ILE A 107 14.63 44.35 4.35
CA ILE A 107 15.28 43.62 3.26
C ILE A 107 14.87 44.21 1.91
N ALA A 108 13.61 44.63 1.79
CA ALA A 108 13.18 45.33 0.57
C ALA A 108 13.91 46.65 0.41
N ARG A 109 13.89 47.49 1.45
CA ARG A 109 14.60 48.76 1.41
C ARG A 109 16.11 48.56 1.25
N GLN A 110 16.66 47.55 1.93
CA GLN A 110 18.09 47.29 1.86
C GLN A 110 18.53 46.85 0.47
N ALA A 111 17.76 45.96 -0.16
CA ALA A 111 18.14 45.44 -1.48
C ALA A 111 18.11 46.54 -2.54
N ARG A 112 17.16 47.46 -2.43
CA ARG A 112 17.06 48.55 -3.39
C ARG A 112 18.23 49.52 -3.27
N LYS A 113 18.78 49.68 -2.06
CA LYS A 113 19.91 50.58 -1.88
C LYS A 113 21.18 50.03 -2.50
N GLU A 114 21.31 48.70 -2.58
CA GLU A 114 22.47 48.08 -3.18
C GLU A 114 22.35 47.88 -4.69
N GLY A 115 21.14 48.00 -5.24
CA GLY A 115 20.95 47.71 -6.64
C GLY A 115 20.64 46.27 -6.98
N ASN A 116 20.28 45.45 -5.99
CA ASN A 116 19.88 44.06 -6.24
C ASN A 116 18.36 44.08 -6.44
N LEU A 117 17.93 44.00 -7.70
CA LEU A 117 16.54 44.28 -8.03
C LEU A 117 15.59 43.18 -7.55
N GLU A 118 15.90 41.92 -7.86
CA GLU A 118 14.97 40.86 -7.51
C GLU A 118 15.10 40.39 -6.06
N LEU A 119 16.18 40.74 -5.37
CA LEU A 119 16.18 40.51 -3.93
C LEU A 119 15.12 41.39 -3.28
N ALA A 120 14.94 42.60 -3.80
CA ALA A 120 13.88 43.50 -3.35
C ALA A 120 12.49 42.92 -3.65
N LEU A 121 12.29 42.44 -4.88
CA LEU A 121 11.00 41.90 -5.29
C LEU A 121 10.60 40.69 -4.44
N LYS A 122 11.57 39.87 -4.05
CA LYS A 122 11.26 38.75 -3.16
C LYS A 122 10.81 39.25 -1.79
N ALA A 123 11.42 40.34 -1.31
CA ALA A 123 10.98 40.95 -0.07
C ALA A 123 9.62 41.64 -0.25
N LEU A 124 9.41 42.28 -1.41
CA LEU A 124 8.12 42.91 -1.67
C LEU A 124 7.00 41.89 -1.80
N GLN A 125 7.30 40.70 -2.32
CA GLN A 125 6.30 39.65 -2.39
C GLN A 125 5.91 39.17 -1.01
N ILE A 126 6.89 39.04 -0.11
CA ILE A 126 6.61 38.63 1.26
C ILE A 126 5.85 39.71 2.00
N LEU A 127 6.06 40.99 1.63
CA LEU A 127 5.30 42.07 2.26
C LEU A 127 3.83 42.03 1.85
N VAL A 128 3.56 41.77 0.56
CA VAL A 128 2.19 41.70 0.09
C VAL A 128 1.46 40.48 0.65
N ASN A 129 2.17 39.35 0.78
CA ASN A 129 1.56 38.15 1.35
C ASN A 129 1.21 38.35 2.82
N ALA A 130 2.06 39.07 3.55
CA ALA A 130 1.77 39.36 4.96
C ALA A 130 0.60 40.33 5.10
N ALA A 131 0.50 41.30 4.19
CA ALA A 131 -0.65 42.21 4.20
C ALA A 131 -1.94 41.45 3.92
N TYR A 132 -1.87 40.39 3.12
CA TYR A 132 -3.05 39.60 2.81
C TYR A 132 -3.62 38.93 4.05
N VAL A 133 -2.76 38.32 4.87
CA VAL A 133 -3.23 37.61 6.06
C VAL A 133 -3.93 38.56 7.01
N LEU A 134 -3.32 39.74 7.24
CA LEU A 134 -3.92 40.72 8.15
C LEU A 134 -5.32 41.13 7.69
N ALA A 135 -5.53 41.23 6.37
CA ALA A 135 -6.87 41.51 5.85
C ALA A 135 -7.85 40.43 6.28
N GLU A 136 -7.46 39.17 6.19
CA GLU A 136 -8.32 38.08 6.68
C GLU A 136 -8.53 38.18 8.19
N ILE A 137 -7.47 38.50 8.93
CA ILE A 137 -7.50 38.63 10.37
C ILE A 137 -8.42 39.79 10.72
N ALA A 138 -8.75 40.63 9.73
CA ALA A 138 -9.66 41.76 9.92
C ALA A 138 -11.03 41.62 9.23
N ARG A 139 -11.16 40.86 8.14
CA ARG A 139 -12.44 40.76 7.44
C ARG A 139 -13.45 39.85 8.14
N GLY A 142 -14.14 42.68 13.01
CA GLY A 142 -13.91 43.75 12.02
C GLY A 142 -13.24 44.97 12.63
N ASN A 143 -11.97 44.86 13.00
CA ASN A 143 -11.18 45.98 13.57
C ASN A 143 -10.75 46.85 12.41
N GLU A 144 -11.28 48.07 12.30
CA GLU A 144 -10.99 48.91 11.11
C GLU A 144 -9.58 49.48 11.11
N GLU A 145 -8.86 49.46 12.22
CA GLU A 145 -7.47 50.00 12.21
C GLU A 145 -6.59 49.00 11.47
N LEU A 146 -6.61 47.77 11.91
CA LEU A 146 -5.83 46.72 11.25
C LEU A 146 -6.15 46.67 9.76
N LEU A 147 -7.39 47.00 9.38
CA LEU A 147 -7.73 47.07 7.96
C LEU A 147 -6.97 48.20 7.27
N GLU A 148 -6.62 49.25 8.01
CA GLU A 148 -5.73 50.28 7.49
C GLU A 148 -4.29 49.77 7.42
N LYS A 149 -3.84 49.11 8.48
CA LYS A 149 -2.49 48.53 8.51
C LYS A 149 -2.29 47.54 7.36
N ALA A 150 -3.23 46.63 7.15
CA ALA A 150 -3.10 45.68 6.04
C ALA A 150 -3.18 46.39 4.69
N ALA A 151 -4.08 47.36 4.56
CA ALA A 151 -4.17 48.15 3.33
C ALA A 151 -2.90 48.96 3.09
N ARG A 152 -2.37 49.58 4.14
CA ARG A 152 -1.18 50.43 3.99
C ARG A 152 0.01 49.61 3.50
N LEU A 153 0.21 48.43 4.09
CA LEU A 153 1.29 47.55 3.63
C LEU A 153 1.08 47.11 2.19
N ALA A 154 -0.17 46.82 1.83
CA ALA A 154 -0.47 46.42 0.45
C ALA A 154 -0.26 47.57 -0.52
N GLU A 155 -0.58 48.79 -0.10
CA GLU A 155 -0.41 49.95 -0.99
C GLU A 155 1.06 50.21 -1.32
N GLU A 156 1.98 49.90 -0.41
CA GLU A 156 3.38 50.26 -0.65
C GLU A 156 4.16 49.19 -1.37
N ALA A 157 3.83 47.91 -1.14
CA ALA A 157 4.44 46.85 -1.94
C ALA A 157 4.09 47.02 -3.41
N ALA A 158 2.84 47.38 -3.68
CA ALA A 158 2.46 47.67 -5.06
C ALA A 158 3.20 48.89 -5.58
N ARG A 159 3.29 49.93 -4.75
CA ARG A 159 3.91 51.18 -5.18
C ARG A 159 5.36 50.97 -5.62
N GLN A 160 6.07 50.04 -4.98
CA GLN A 160 7.45 49.76 -5.34
C GLN A 160 7.58 48.78 -6.51
N ALA A 161 6.67 47.82 -6.65
CA ALA A 161 6.81 46.86 -7.74
C ALA A 161 6.67 47.55 -9.11
N GLU A 162 5.73 48.48 -9.24
CA GLU A 162 5.63 49.22 -10.51
C GLU A 162 6.85 50.11 -10.69
N GLU A 163 7.44 50.59 -9.60
CA GLU A 163 8.66 51.39 -9.69
C GLU A 163 9.84 50.55 -10.18
N ILE A 164 10.05 49.38 -9.57
CA ILE A 164 11.14 48.51 -9.99
C ILE A 164 10.91 47.99 -11.41
N ALA A 165 9.65 47.88 -11.81
CA ALA A 165 9.35 47.43 -13.18
C ALA A 165 9.65 48.50 -14.21
N ARG A 166 9.64 49.76 -13.81
CA ARG A 166 9.99 50.84 -14.74
C ARG A 166 11.49 50.84 -15.03
N GLN A 167 12.30 50.41 -14.07
CA GLN A 167 13.75 50.37 -14.21
C GLN A 167 14.25 49.19 -15.02
N ALA A 168 13.50 48.09 -15.04
CA ALA A 168 13.88 46.88 -15.75
C ALA A 168 13.50 46.92 -17.23
N ARG A 169 12.40 47.55 -17.59
CA ARG A 169 11.97 47.54 -18.98
C ARG A 169 12.83 48.40 -19.90
N LYS A 170 13.65 49.29 -19.36
CA LYS A 170 14.52 50.10 -20.22
C LYS A 170 15.72 49.32 -20.72
N GLU A 171 16.08 48.21 -20.06
CA GLU A 171 17.27 47.45 -20.42
C GLU A 171 16.92 46.23 -21.25
N ASN B 2 16.11 40.31 -20.14
CA ASN B 2 15.61 40.07 -18.78
C ASN B 2 14.45 41.00 -18.45
N LEU B 3 13.43 40.99 -19.31
CA LEU B 3 12.14 41.56 -18.94
C LEU B 3 11.41 40.68 -17.93
N GLU B 4 12.03 39.58 -17.51
CA GLU B 4 11.48 38.74 -16.45
C GLU B 4 11.33 39.51 -15.14
N LEU B 5 12.28 40.38 -14.82
CA LEU B 5 12.20 41.13 -13.58
C LEU B 5 11.00 42.08 -13.58
N ALA B 6 10.67 42.66 -14.74
CA ALA B 6 9.48 43.47 -14.84
C ALA B 6 8.22 42.66 -14.52
N LEU B 7 8.11 41.46 -15.09
CA LEU B 7 6.91 40.63 -14.90
C LEU B 7 6.67 40.30 -13.44
N LYS B 8 7.72 39.92 -12.70
CA LYS B 8 7.55 39.59 -11.28
C LYS B 8 7.06 40.80 -10.50
N ALA B 9 7.50 41.99 -10.90
CA ALA B 9 6.99 43.20 -10.27
C ALA B 9 5.52 43.40 -10.57
N LEU B 10 5.10 43.11 -11.80
CA LEU B 10 3.69 43.24 -12.16
C LEU B 10 2.83 42.28 -11.35
N GLN B 11 3.36 41.10 -11.02
CA GLN B 11 2.60 40.15 -10.21
C GLN B 11 2.33 40.71 -8.81
N ILE B 12 3.28 41.45 -8.25
CA ILE B 12 3.06 42.09 -6.96
C ILE B 12 2.00 43.16 -7.08
N LEU B 13 1.91 43.82 -8.25
CA LEU B 13 0.82 44.75 -8.48
C LEU B 13 -0.53 44.05 -8.49
N VAL B 14 -0.60 42.92 -9.21
CA VAL B 14 -1.82 42.12 -9.22
C VAL B 14 -2.15 41.58 -7.83
N ASN B 15 -1.13 41.24 -7.04
CA ASN B 15 -1.38 40.66 -5.73
C ASN B 15 -1.89 41.72 -4.75
N ALA B 16 -1.23 42.88 -4.69
CA ALA B 16 -1.70 43.97 -3.85
C ALA B 16 -3.09 44.45 -4.28
N ALA B 17 -3.38 44.41 -5.58
CA ALA B 17 -4.73 44.74 -6.05
C ALA B 17 -5.74 43.75 -5.51
N TYR B 18 -5.34 42.47 -5.39
CA TYR B 18 -6.23 41.47 -4.82
C TYR B 18 -6.48 41.73 -3.33
N VAL B 19 -5.43 42.11 -2.60
CA VAL B 19 -5.59 42.38 -1.16
C VAL B 19 -6.50 43.58 -0.94
N LEU B 20 -6.28 44.66 -1.71
CA LEU B 20 -7.11 45.85 -1.55
C LEU B 20 -8.55 45.62 -2.00
N ALA B 21 -8.74 44.92 -3.11
CA ALA B 21 -10.09 44.61 -3.59
C ALA B 21 -10.83 43.68 -2.65
N GLU B 22 -10.11 42.75 -2.03
CA GLU B 22 -10.75 41.82 -1.08
C GLU B 22 -11.23 42.54 0.18
N ILE B 23 -10.42 43.46 0.71
CA ILE B 23 -10.75 44.21 1.92
C ILE B 23 -12.09 44.92 1.79
N ALA B 24 -12.20 45.88 0.87
CA ALA B 24 -13.38 46.74 0.79
C ALA B 24 -14.67 45.95 0.64
N ASN B 29 -14.83 50.63 0.92
CA ASN B 29 -14.35 51.81 0.23
C ASN B 29 -14.42 51.62 -1.28
N GLU B 30 -15.31 52.36 -1.93
CA GLU B 30 -15.45 52.20 -3.38
C GLU B 30 -14.32 52.89 -4.11
N GLU B 31 -13.58 53.75 -3.41
CA GLU B 31 -12.40 54.36 -3.99
C GLU B 31 -11.25 53.36 -4.06
N LEU B 32 -11.04 52.62 -2.96
CA LEU B 32 -10.04 51.55 -2.95
C LEU B 32 -10.32 50.51 -4.03
N LEU B 33 -11.60 50.15 -4.21
CA LEU B 33 -11.95 49.17 -5.24
C LEU B 33 -11.60 49.69 -6.63
N GLU B 34 -11.69 51.00 -6.84
CA GLU B 34 -11.29 51.61 -8.10
C GLU B 34 -9.76 51.80 -8.17
N LYS B 35 -9.09 51.94 -7.03
CA LYS B 35 -7.63 51.99 -7.04
C LYS B 35 -7.05 50.61 -7.31
N ALA B 36 -7.64 49.56 -6.73
CA ALA B 36 -7.23 48.20 -7.05
C ALA B 36 -7.52 47.88 -8.50
N ALA B 37 -8.66 48.36 -9.01
CA ALA B 37 -9.00 48.16 -10.41
C ALA B 37 -7.95 48.77 -11.33
N ARG B 38 -7.55 50.01 -11.04
CA ARG B 38 -6.52 50.67 -11.84
C ARG B 38 -5.18 49.97 -11.67
N LEU B 39 -4.87 49.50 -10.47
CA LEU B 39 -3.61 48.79 -10.24
C LEU B 39 -3.51 47.52 -11.08
N ALA B 40 -4.55 46.68 -11.05
CA ALA B 40 -4.51 45.45 -11.83
C ALA B 40 -4.57 45.73 -13.32
N GLU B 41 -5.44 46.66 -13.74
CA GLU B 41 -5.57 46.99 -15.16
C GLU B 41 -4.29 47.57 -15.73
N GLU B 42 -3.41 48.11 -14.86
CA GLU B 42 -2.11 48.60 -15.31
C GLU B 42 -1.13 47.46 -15.54
N ALA B 43 -1.13 46.46 -14.66
CA ALA B 43 -0.24 45.33 -14.82
C ALA B 43 -0.67 44.43 -15.97
N ALA B 44 -1.97 44.41 -16.29
CA ALA B 44 -2.41 43.62 -17.43
C ALA B 44 -2.02 44.27 -18.75
N ARG B 45 -2.26 45.57 -18.88
CA ARG B 45 -1.86 46.26 -20.10
C ARG B 45 -0.34 46.31 -20.24
N GLN B 46 0.39 46.25 -19.12
CA GLN B 46 1.84 46.22 -19.18
C GLN B 46 2.36 44.82 -19.48
N ALA B 47 1.68 43.78 -18.99
CA ALA B 47 2.02 42.42 -19.36
C ALA B 47 1.76 42.19 -20.85
N GLU B 48 0.71 42.80 -21.38
CA GLU B 48 0.41 42.69 -22.81
C GLU B 48 1.58 43.23 -23.64
N GLU B 49 2.22 44.29 -23.16
CA GLU B 49 3.35 44.87 -23.90
C GLU B 49 4.58 43.96 -23.86
N ILE B 50 4.90 43.43 -22.69
CA ILE B 50 6.05 42.54 -22.55
C ILE B 50 5.83 41.25 -23.33
N ALA B 51 4.59 40.76 -23.34
CA ALA B 51 4.25 39.60 -24.17
C ALA B 51 4.56 39.88 -25.64
N ARG B 52 4.02 40.98 -26.18
CA ARG B 52 4.21 41.32 -27.59
C ARG B 52 5.68 41.49 -27.93
N GLN B 53 6.43 42.22 -27.09
CA GLN B 53 7.83 42.46 -27.39
C GLN B 53 8.65 41.18 -27.35
N ALA B 54 8.43 40.32 -26.36
CA ALA B 54 9.19 39.08 -26.30
C ALA B 54 8.72 38.10 -27.35
N ARG B 55 7.41 38.04 -27.61
CA ARG B 55 6.94 37.15 -28.68
C ARG B 55 7.48 37.56 -30.04
N LYS B 56 7.76 38.85 -30.24
CA LYS B 56 8.26 39.34 -31.51
C LYS B 56 9.76 39.13 -31.69
N GLU B 57 10.55 39.36 -30.64
CA GLU B 57 11.99 39.17 -30.76
C GLU B 57 12.36 37.69 -30.85
N GLY B 58 11.48 36.86 -30.33
CA GLY B 58 11.70 35.41 -30.30
C GLY B 58 11.05 34.79 -29.09
N ASN B 59 11.62 35.03 -27.90
CA ASN B 59 11.24 34.46 -26.58
C ASN B 59 9.76 34.10 -26.51
N LEU B 60 9.47 32.81 -26.40
CA LEU B 60 8.08 32.30 -26.31
C LEU B 60 7.77 31.97 -24.85
N GLU B 61 8.76 32.04 -23.98
CA GLU B 61 8.46 31.78 -22.58
C GLU B 61 8.08 33.05 -21.83
N LEU B 62 8.85 34.13 -22.01
CA LEU B 62 8.48 35.41 -21.40
C LEU B 62 7.11 35.87 -21.89
N ALA B 63 6.79 35.61 -23.16
CA ALA B 63 5.43 35.87 -23.63
C ALA B 63 4.43 35.05 -22.82
N LEU B 64 4.72 33.76 -22.59
CA LEU B 64 3.83 32.96 -21.76
C LEU B 64 3.85 33.44 -20.33
N LYS B 65 5.05 33.74 -19.81
CA LYS B 65 5.17 34.26 -18.45
C LYS B 65 4.44 35.59 -18.31
N ALA B 66 4.41 36.40 -19.37
CA ALA B 66 3.60 37.62 -19.35
C ALA B 66 2.11 37.29 -19.46
N LEU B 67 1.76 36.29 -20.26
CA LEU B 67 0.36 35.91 -20.43
C LEU B 67 -0.25 35.39 -19.14
N GLN B 68 0.55 34.74 -18.30
CA GLN B 68 0.02 34.22 -17.04
C GLN B 68 -0.44 35.35 -16.13
N ILE B 69 0.24 36.51 -16.18
CA ILE B 69 -0.18 37.66 -15.39
C ILE B 69 -1.44 38.28 -15.98
N LEU B 70 -1.63 38.18 -17.31
CA LEU B 70 -2.89 38.61 -17.90
C LEU B 70 -4.06 37.83 -17.30
N VAL B 71 -3.90 36.52 -17.13
CA VAL B 71 -4.92 35.72 -16.47
C VAL B 71 -5.11 36.18 -15.03
N ASN B 72 -4.00 36.36 -14.30
CA ASN B 72 -4.08 36.76 -12.90
C ASN B 72 -4.56 38.19 -12.73
N ALA B 73 -4.18 39.09 -13.63
CA ALA B 73 -4.70 40.45 -13.56
C ALA B 73 -6.17 40.48 -13.93
N ALA B 74 -6.57 39.75 -14.98
CA ALA B 74 -7.98 39.64 -15.33
C ALA B 74 -8.78 38.95 -14.25
N TYR B 75 -8.15 38.01 -13.51
CA TYR B 75 -8.84 37.35 -12.41
C TYR B 75 -9.10 38.31 -11.26
N VAL B 76 -8.07 39.08 -10.86
CA VAL B 76 -8.23 40.02 -9.76
C VAL B 76 -9.21 41.13 -10.12
N LEU B 77 -9.20 41.58 -11.38
CA LEU B 77 -10.17 42.57 -11.84
C LEU B 77 -11.58 41.99 -11.92
N ALA B 78 -11.68 40.67 -12.13
CA ALA B 78 -13.01 40.03 -12.18
C ALA B 78 -13.75 40.20 -10.86
N GLU B 79 -13.05 40.06 -9.73
CA GLU B 79 -13.71 40.24 -8.43
C GLU B 79 -14.22 41.66 -8.26
N ILE B 80 -13.37 42.65 -8.55
CA ILE B 80 -13.79 44.06 -8.45
C ILE B 80 -15.06 44.30 -9.24
N ALA B 81 -15.23 43.62 -10.38
CA ALA B 81 -16.46 43.76 -11.15
C ALA B 81 -17.67 43.27 -10.36
N ARG B 82 -17.54 42.14 -9.66
CA ARG B 82 -18.66 41.61 -8.89
C ARG B 82 -18.97 42.50 -7.68
N ASP B 83 -17.94 42.81 -6.88
CA ASP B 83 -18.15 43.58 -5.66
C ASP B 83 -18.62 45.01 -5.92
N ARG B 84 -18.37 45.56 -7.11
CA ARG B 84 -18.84 46.89 -7.44
C ARG B 84 -20.09 46.90 -8.32
N GLY B 85 -20.58 45.73 -8.72
CA GLY B 85 -21.70 45.66 -9.64
C GLY B 85 -21.40 46.40 -10.93
N ASN B 86 -20.51 45.85 -11.74
CA ASN B 86 -19.99 46.53 -12.93
C ASN B 86 -19.88 45.51 -14.05
N GLU B 87 -20.96 45.38 -14.84
CA GLU B 87 -20.92 44.52 -16.01
C GLU B 87 -19.98 45.06 -17.09
N GLU B 88 -19.65 46.34 -17.04
CA GLU B 88 -18.66 46.88 -17.97
C GLU B 88 -17.25 46.36 -17.63
N LEU B 89 -16.98 46.15 -16.34
CA LEU B 89 -15.71 45.59 -15.92
C LEU B 89 -15.59 44.11 -16.29
N LEU B 90 -16.68 43.36 -16.16
CA LEU B 90 -16.69 41.96 -16.62
C LEU B 90 -16.18 41.83 -18.05
N GLU B 91 -16.29 42.87 -18.85
CA GLU B 91 -15.79 42.82 -20.21
C GLU B 91 -14.27 42.82 -20.23
N LYS B 92 -13.65 43.75 -19.51
CA LYS B 92 -12.19 43.82 -19.48
C LYS B 92 -11.58 42.54 -18.91
N ALA B 93 -12.07 42.10 -17.75
CA ALA B 93 -11.55 40.87 -17.17
C ALA B 93 -11.74 39.69 -18.11
N ALA B 94 -12.87 39.65 -18.82
CA ALA B 94 -13.10 38.60 -19.81
C ALA B 94 -12.23 38.82 -21.04
N ARG B 95 -12.11 40.07 -21.49
CA ARG B 95 -11.32 40.38 -22.68
C ARG B 95 -9.88 39.93 -22.52
N LEU B 96 -9.31 40.13 -21.34
CA LEU B 96 -7.95 39.68 -21.07
C LEU B 96 -7.85 38.16 -21.04
N ALA B 97 -8.82 37.49 -20.40
CA ALA B 97 -8.78 36.04 -20.30
C ALA B 97 -8.83 35.39 -21.68
N GLU B 98 -9.66 35.91 -22.58
CA GLU B 98 -9.70 35.35 -23.93
C GLU B 98 -8.41 35.65 -24.69
N GLU B 99 -7.81 36.82 -24.45
CA GLU B 99 -6.55 37.16 -25.10
C GLU B 99 -5.44 36.22 -24.65
N ALA B 100 -5.29 36.06 -23.33
CA ALA B 100 -4.29 35.13 -22.81
C ALA B 100 -4.52 33.72 -23.35
N ALA B 101 -5.79 33.29 -23.39
CA ALA B 101 -6.13 32.01 -23.99
C ALA B 101 -5.82 32.00 -25.49
N ARG B 102 -6.19 33.07 -26.20
CA ARG B 102 -5.95 33.11 -27.65
C ARG B 102 -4.47 33.09 -27.97
N GLN B 103 -3.68 33.88 -27.24
CA GLN B 103 -2.26 33.93 -27.51
C GLN B 103 -1.57 32.63 -27.12
N ALA B 104 -2.04 31.98 -26.06
CA ALA B 104 -1.43 30.73 -25.61
C ALA B 104 -1.55 29.62 -26.66
N GLU B 105 -2.73 29.48 -27.28
CA GLU B 105 -2.90 28.47 -28.31
C GLU B 105 -1.90 28.64 -29.44
N GLU B 106 -1.69 29.88 -29.89
CA GLU B 106 -0.68 30.15 -30.91
C GLU B 106 0.72 29.76 -30.43
N ILE B 107 1.13 30.26 -29.27
CA ILE B 107 2.43 29.89 -28.71
C ILE B 107 2.53 28.39 -28.52
N ALA B 108 1.41 27.75 -28.15
CA ALA B 108 1.38 26.29 -28.10
C ALA B 108 1.60 25.70 -29.49
N ARG B 109 0.91 26.23 -30.49
CA ARG B 109 1.06 25.76 -31.86
C ARG B 109 2.49 25.94 -32.35
N GLN B 110 3.12 27.08 -32.04
CA GLN B 110 4.49 27.31 -32.48
C GLN B 110 5.45 26.35 -31.78
N ALA B 111 5.27 26.15 -30.47
CA ALA B 111 6.17 25.29 -29.72
C ALA B 111 6.07 23.84 -30.16
N ARG B 112 4.87 23.38 -30.52
CA ARG B 112 4.71 21.99 -30.94
C ARG B 112 5.41 21.71 -32.26
N LYS B 113 5.49 22.71 -33.14
CA LYS B 113 6.18 22.52 -34.41
C LYS B 113 7.69 22.45 -34.21
N GLU B 114 8.19 23.08 -33.16
CA GLU B 114 9.62 23.09 -32.86
C GLU B 114 10.09 21.89 -32.05
N GLY B 115 9.18 21.13 -31.44
CA GLY B 115 9.58 20.04 -30.57
C GLY B 115 9.83 20.44 -29.13
N ASN B 116 9.43 21.64 -28.72
CA ASN B 116 9.58 22.08 -27.33
C ASN B 116 8.33 21.70 -26.55
N LEU B 117 8.19 20.39 -26.32
CA LEU B 117 6.98 19.86 -25.70
C LEU B 117 6.76 20.44 -24.32
N GLU B 118 7.83 20.67 -23.56
CA GLU B 118 7.70 21.33 -22.27
C GLU B 118 7.10 22.73 -22.44
N LEU B 119 7.49 23.44 -23.49
CA LEU B 119 6.99 24.79 -23.72
C LEU B 119 5.51 24.78 -24.10
N ALA B 120 5.09 23.79 -24.90
CA ALA B 120 3.68 23.66 -25.23
C ALA B 120 2.86 23.39 -23.97
N LEU B 121 3.31 22.45 -23.12
CA LEU B 121 2.56 22.16 -21.90
C LEU B 121 2.46 23.38 -21.01
N LYS B 122 3.51 24.19 -20.96
CA LYS B 122 3.44 25.44 -20.21
C LYS B 122 2.47 26.41 -20.87
N ALA B 123 2.42 26.41 -22.20
CA ALA B 123 1.43 27.21 -22.90
C ALA B 123 0.02 26.65 -22.70
N LEU B 124 -0.09 25.31 -22.67
CA LEU B 124 -1.37 24.67 -22.42
C LEU B 124 -1.88 24.93 -21.01
N GLN B 125 -0.97 25.10 -20.03
CA GLN B 125 -1.41 25.41 -18.69
C GLN B 125 -2.10 26.76 -18.63
N ILE B 126 -1.60 27.74 -19.38
CA ILE B 126 -2.25 29.04 -19.45
C ILE B 126 -3.61 28.92 -20.12
N LEU B 127 -3.80 27.92 -20.98
CA LEU B 127 -5.12 27.70 -21.57
C LEU B 127 -6.12 27.28 -20.52
N VAL B 128 -5.72 26.36 -19.62
CA VAL B 128 -6.61 25.94 -18.56
C VAL B 128 -6.83 27.07 -17.56
N ASN B 129 -5.76 27.80 -17.22
CA ASN B 129 -5.90 28.89 -16.26
C ASN B 129 -6.77 30.00 -16.83
N ALA B 130 -6.64 30.31 -18.12
CA ALA B 130 -7.52 31.28 -18.74
C ALA B 130 -8.92 30.74 -18.89
N ALA B 131 -9.06 29.45 -19.19
CA ALA B 131 -10.39 28.83 -19.31
C ALA B 131 -11.12 28.83 -17.98
N TYR B 132 -10.39 28.64 -16.87
CA TYR B 132 -11.03 28.66 -15.57
C TYR B 132 -11.57 30.06 -15.27
N VAL B 133 -10.76 31.08 -15.53
CA VAL B 133 -11.19 32.47 -15.31
C VAL B 133 -12.39 32.79 -16.18
N LEU B 134 -12.35 32.37 -17.46
CA LEU B 134 -13.49 32.60 -18.34
C LEU B 134 -14.75 31.97 -17.77
N ALA B 135 -14.63 30.74 -17.26
CA ALA B 135 -15.74 30.09 -16.59
C ALA B 135 -16.20 30.90 -15.39
N GLU B 136 -15.24 31.35 -14.56
CA GLU B 136 -15.60 32.14 -13.39
C GLU B 136 -16.30 33.42 -13.78
N ILE B 137 -15.79 34.12 -14.81
CA ILE B 137 -16.42 35.34 -15.27
C ILE B 137 -17.78 35.06 -15.93
N ALA B 138 -18.06 33.81 -16.29
CA ALA B 138 -19.28 33.49 -17.02
C ALA B 138 -20.42 33.03 -16.11
N ARG B 139 -20.10 32.45 -14.94
CA ARG B 139 -21.15 32.08 -14.01
C ARG B 139 -21.67 33.28 -13.24
N ASP B 140 -20.93 34.38 -13.24
CA ASP B 140 -21.32 35.57 -12.50
C ASP B 140 -22.51 36.26 -13.15
N ARG B 141 -22.42 36.53 -14.45
CA ARG B 141 -23.51 37.16 -15.17
C ARG B 141 -24.49 36.17 -15.78
N GLY B 142 -24.16 34.89 -15.79
CA GLY B 142 -25.04 33.87 -16.32
C GLY B 142 -25.02 33.72 -17.83
N ASN B 143 -23.96 34.16 -18.48
CA ASN B 143 -23.84 34.08 -19.94
C ASN B 143 -23.40 32.67 -20.33
N GLU B 144 -24.32 31.88 -20.89
CA GLU B 144 -23.99 30.52 -21.30
C GLU B 144 -23.12 30.47 -22.55
N GLU B 145 -22.98 31.57 -23.29
CA GLU B 145 -22.07 31.55 -24.43
C GLU B 145 -20.63 31.34 -23.97
N LEU B 146 -20.19 32.14 -22.99
CA LEU B 146 -18.84 31.98 -22.46
C LEU B 146 -18.71 30.66 -21.70
N LEU B 147 -19.79 30.18 -21.07
CA LEU B 147 -19.71 28.93 -20.33
C LEU B 147 -19.44 27.74 -21.24
N GLU B 148 -19.96 27.75 -22.48
CA GLU B 148 -19.58 26.73 -23.44
C GLU B 148 -18.18 27.00 -23.98
N LYS B 149 -17.91 28.27 -24.31
CA LYS B 149 -16.59 28.69 -24.77
C LYS B 149 -15.52 28.31 -23.77
N ALA B 150 -15.76 28.57 -22.49
CA ALA B 150 -14.81 28.20 -21.45
C ALA B 150 -14.66 26.69 -21.32
N ALA B 151 -15.77 25.96 -21.45
CA ALA B 151 -15.69 24.50 -21.43
C ALA B 151 -14.83 23.99 -22.58
N ARG B 152 -15.03 24.55 -23.77
CA ARG B 152 -14.25 24.13 -24.93
C ARG B 152 -12.77 24.39 -24.74
N LEU B 153 -12.42 25.53 -24.15
CA LEU B 153 -11.02 25.86 -23.90
C LEU B 153 -10.35 24.79 -23.06
N ALA B 154 -11.03 24.33 -22.01
CA ALA B 154 -10.49 23.22 -21.22
C ALA B 154 -10.50 21.92 -22.03
N GLU B 155 -11.56 21.70 -22.82
CA GLU B 155 -11.64 20.49 -23.62
C GLU B 155 -10.52 20.40 -24.65
N GLU B 156 -10.05 21.55 -25.14
CA GLU B 156 -8.92 21.55 -26.07
C GLU B 156 -7.61 21.36 -25.32
N ALA B 157 -7.45 22.00 -24.16
CA ALA B 157 -6.21 21.87 -23.41
C ALA B 157 -6.00 20.45 -22.92
N ALA B 158 -7.07 19.81 -22.43
CA ALA B 158 -6.97 18.41 -22.05
C ALA B 158 -6.73 17.52 -23.26
N ARG B 159 -7.29 17.88 -24.41
CA ARG B 159 -7.15 17.05 -25.60
C ARG B 159 -5.74 17.13 -26.18
N GLN B 160 -5.17 18.34 -26.23
CA GLN B 160 -3.83 18.49 -26.80
C GLN B 160 -2.75 17.95 -25.85
N ALA B 161 -2.93 18.18 -24.54
CA ALA B 161 -1.96 17.67 -23.56
C ALA B 161 -2.00 16.15 -23.48
N GLU B 162 -3.18 15.54 -23.68
CA GLU B 162 -3.32 14.09 -23.66
C GLU B 162 -2.47 13.43 -24.75
N GLU B 163 -2.31 14.09 -25.90
CA GLU B 163 -1.44 13.54 -26.93
C GLU B 163 0.02 13.59 -26.49
N ILE B 164 0.44 14.74 -25.94
CA ILE B 164 1.80 14.92 -25.45
C ILE B 164 2.13 13.92 -24.35
N ALA B 165 1.12 13.40 -23.66
CA ALA B 165 1.38 12.37 -22.65
C ALA B 165 1.73 11.04 -23.31
N ARG B 166 1.01 10.67 -24.37
CA ARG B 166 1.30 9.42 -25.07
C ARG B 166 2.45 9.57 -26.06
N GLN B 167 2.67 10.76 -26.60
CA GLN B 167 3.77 10.97 -27.54
C GLN B 167 5.12 10.99 -26.82
N ALA B 168 5.14 11.34 -25.54
CA ALA B 168 6.39 11.40 -24.78
C ALA B 168 6.78 10.05 -24.19
N ARG B 169 5.81 9.23 -23.78
CA ARG B 169 6.16 7.96 -23.15
C ARG B 169 6.73 6.94 -24.11
N LYS B 170 6.69 7.22 -25.42
CA LYS B 170 7.38 6.37 -26.39
C LYS B 170 8.90 6.43 -26.25
N GLU B 171 9.42 7.33 -25.42
CA GLU B 171 10.85 7.38 -25.17
C GLU B 171 11.15 7.59 -23.68
N GLY B 172 10.27 7.14 -22.80
CA GLY B 172 10.42 7.32 -21.36
C GLY B 172 11.79 7.02 -20.79
N GLY C 1 13.70 15.76 -20.00
CA GLY C 1 13.39 14.34 -19.87
C GLY C 1 12.21 13.91 -20.70
N ASN C 2 11.76 12.66 -20.48
CA ASN C 2 10.64 12.09 -21.20
C ASN C 2 9.50 11.64 -20.29
N LEU C 3 9.81 10.98 -19.17
CA LEU C 3 8.74 10.52 -18.29
C LEU C 3 8.04 11.69 -17.58
N GLU C 4 8.78 12.76 -17.28
CA GLU C 4 8.16 13.94 -16.70
C GLU C 4 7.18 14.63 -17.64
N LEU C 5 7.36 14.49 -18.96
CA LEU C 5 6.46 15.16 -19.89
C LEU C 5 5.04 14.62 -19.78
N ALA C 6 4.89 13.32 -19.57
CA ALA C 6 3.56 12.75 -19.30
C ALA C 6 2.97 13.34 -18.04
N LEU C 7 3.77 13.41 -16.97
CA LEU C 7 3.28 13.96 -15.70
C LEU C 7 2.81 15.39 -15.85
N LYS C 8 3.55 16.19 -16.61
CA LYS C 8 3.13 17.57 -16.87
C LYS C 8 1.85 17.58 -17.71
N ALA C 9 1.72 16.65 -18.65
CA ALA C 9 0.47 16.50 -19.38
C ALA C 9 -0.64 16.00 -18.48
N LEU C 10 -0.32 15.05 -17.58
CA LEU C 10 -1.33 14.53 -16.66
C LEU C 10 -1.82 15.60 -15.69
N GLN C 11 -0.92 16.50 -15.27
CA GLN C 11 -1.33 17.58 -14.39
C GLN C 11 -2.32 18.51 -15.08
N ILE C 12 -2.11 18.77 -16.38
CA ILE C 12 -3.06 19.59 -17.13
C ILE C 12 -4.38 18.85 -17.30
N LEU C 13 -4.33 17.51 -17.33
CA LEU C 13 -5.56 16.73 -17.40
C LEU C 13 -6.39 16.90 -16.14
N VAL C 14 -5.75 16.80 -14.97
CA VAL C 14 -6.44 17.04 -13.71
C VAL C 14 -6.93 18.49 -13.64
N ASN C 15 -6.17 19.42 -14.20
CA ASN C 15 -6.57 20.82 -14.13
C ASN C 15 -7.75 21.10 -15.04
N ALA C 16 -7.70 20.62 -16.29
CA ALA C 16 -8.84 20.75 -17.18
C ALA C 16 -10.03 19.95 -16.66
N ALA C 17 -9.77 18.80 -16.03
CA ALA C 17 -10.87 18.04 -15.43
C ALA C 17 -11.49 18.79 -14.26
N TYR C 18 -10.69 19.51 -13.47
CA TYR C 18 -11.25 20.28 -12.38
C TYR C 18 -12.11 21.42 -12.89
N VAL C 19 -11.63 22.13 -13.92
CA VAL C 19 -12.41 23.23 -14.48
C VAL C 19 -13.71 22.71 -15.09
N LEU C 20 -13.64 21.60 -15.81
CA LEU C 20 -14.83 21.04 -16.44
C LEU C 20 -15.86 20.63 -15.40
N ALA C 21 -15.42 20.01 -14.30
CA ALA C 21 -16.35 19.62 -13.23
C ALA C 21 -16.97 20.84 -12.58
N GLU C 22 -16.25 21.94 -12.49
CA GLU C 22 -16.81 23.14 -11.81
C GLU C 22 -17.82 23.81 -12.71
N ILE C 23 -17.60 23.81 -14.02
CA ILE C 23 -18.52 24.50 -14.97
C ILE C 23 -19.67 23.57 -15.33
N ALA C 24 -19.59 22.29 -14.97
CA ALA C 24 -20.67 21.34 -15.34
C ALA C 24 -21.59 21.16 -14.15
N ARG C 25 -21.06 21.39 -12.95
CA ARG C 25 -21.81 21.19 -11.68
C ARG C 25 -23.01 22.13 -11.56
N ASP C 26 -22.82 23.42 -11.29
CA ASP C 26 -23.97 24.32 -11.00
C ASP C 26 -25.11 24.28 -12.03
N ARG C 27 -24.82 24.12 -13.32
CA ARG C 27 -25.89 24.03 -14.36
C ARG C 27 -26.18 22.56 -14.67
N GLY C 28 -26.35 21.74 -13.63
CA GLY C 28 -26.69 20.31 -13.64
C GLY C 28 -26.42 19.54 -14.92
N ASN C 29 -25.20 19.58 -15.43
CA ASN C 29 -24.86 18.79 -16.63
C ASN C 29 -24.02 17.61 -16.17
N GLU C 30 -24.51 16.42 -16.46
CA GLU C 30 -23.78 15.22 -16.09
C GLU C 30 -22.80 14.78 -17.17
N GLU C 31 -22.90 15.32 -18.38
CA GLU C 31 -21.99 14.93 -19.45
C GLU C 31 -20.59 15.48 -19.23
N LEU C 32 -20.47 16.77 -18.91
CA LEU C 32 -19.16 17.33 -18.56
C LEU C 32 -18.58 16.59 -17.36
N LEU C 33 -19.42 16.32 -16.36
CA LEU C 33 -18.99 15.59 -15.18
C LEU C 33 -18.51 14.19 -15.55
N GLU C 34 -19.06 13.61 -16.62
CA GLU C 34 -18.57 12.30 -17.05
C GLU C 34 -17.20 12.42 -17.72
N LYS C 35 -16.92 13.57 -18.33
CA LYS C 35 -15.56 13.81 -18.83
C LYS C 35 -14.62 14.02 -17.66
N ALA C 36 -14.94 14.99 -16.79
CA ALA C 36 -14.06 15.37 -15.70
C ALA C 36 -13.73 14.19 -14.80
N ALA C 37 -14.69 13.28 -14.61
CA ALA C 37 -14.41 12.07 -13.85
C ALA C 37 -13.46 11.15 -14.60
N ARG C 38 -13.74 10.92 -15.89
CA ARG C 38 -12.86 10.09 -16.70
C ARG C 38 -11.51 10.74 -16.92
N LEU C 39 -11.49 12.06 -17.13
CA LEU C 39 -10.23 12.78 -17.31
C LEU C 39 -9.35 12.65 -16.08
N ALA C 40 -9.93 12.81 -14.89
CA ALA C 40 -9.16 12.70 -13.64
C ALA C 40 -8.66 11.29 -13.39
N GLU C 41 -9.50 10.26 -13.65
CA GLU C 41 -9.09 8.89 -13.39
C GLU C 41 -7.85 8.50 -14.19
N GLU C 42 -7.87 8.73 -15.50
CA GLU C 42 -6.75 8.32 -16.33
C GLU C 42 -5.47 9.08 -15.99
N ALA C 43 -5.60 10.34 -15.59
CA ALA C 43 -4.42 11.07 -15.13
C ALA C 43 -3.87 10.46 -13.85
N ALA C 44 -4.74 9.85 -13.04
CA ALA C 44 -4.29 9.09 -11.88
C ALA C 44 -3.76 7.72 -12.27
N ARG C 45 -4.44 7.06 -13.21
CA ARG C 45 -4.00 5.74 -13.68
C ARG C 45 -2.65 5.83 -14.37
N GLN C 46 -2.46 6.83 -15.24
CA GLN C 46 -1.18 6.99 -15.90
C GLN C 46 -0.09 7.40 -14.91
N ALA C 47 -0.44 8.25 -13.95
CA ALA C 47 0.51 8.61 -12.90
C ALA C 47 0.87 7.40 -12.05
N GLU C 48 -0.10 6.51 -11.81
CA GLU C 48 0.16 5.31 -11.03
C GLU C 48 1.24 4.45 -11.67
N GLU C 49 1.24 4.39 -13.01
CA GLU C 49 2.25 3.62 -13.73
C GLU C 49 3.61 4.30 -13.64
N ILE C 50 3.63 5.61 -13.91
CA ILE C 50 4.88 6.39 -13.89
C ILE C 50 5.47 6.43 -12.49
N ALA C 51 4.62 6.52 -11.46
CA ALA C 51 5.12 6.45 -10.09
C ALA C 51 5.88 5.15 -9.87
N ARG C 52 5.22 4.02 -10.13
CA ARG C 52 5.89 2.73 -10.00
C ARG C 52 7.06 2.63 -10.97
N GLN C 53 6.85 3.08 -12.22
CA GLN C 53 7.89 2.99 -13.25
C GLN C 53 9.14 3.79 -12.86
N ALA C 54 8.95 4.99 -12.30
CA ALA C 54 10.10 5.78 -11.90
C ALA C 54 10.76 5.22 -10.63
N ARG C 55 9.98 4.64 -9.72
CA ARG C 55 10.53 4.06 -8.50
C ARG C 55 11.53 2.95 -8.81
N LYS C 56 11.19 2.05 -9.73
CA LYS C 56 12.05 0.90 -10.00
C LYS C 56 13.35 1.32 -10.68
N GLU C 57 13.23 2.18 -11.71
CA GLU C 57 14.37 2.70 -12.46
C GLU C 57 15.43 3.36 -11.56
N GLY C 58 15.09 3.67 -10.32
CA GLY C 58 16.03 4.24 -9.39
C GLY C 58 15.84 5.72 -9.11
N ASN C 59 14.68 6.27 -9.49
CA ASN C 59 14.35 7.68 -9.29
C ASN C 59 13.23 7.73 -8.26
N LEU C 60 13.53 8.32 -7.11
CA LEU C 60 12.54 8.52 -6.07
C LEU C 60 11.97 9.93 -6.11
N GLU C 61 12.63 10.82 -6.87
CA GLU C 61 12.16 12.17 -7.10
C GLU C 61 11.09 12.20 -8.18
N LEU C 62 11.32 11.48 -9.28
CA LEU C 62 10.32 11.40 -10.34
C LEU C 62 9.07 10.66 -9.88
N ALA C 63 9.25 9.63 -9.04
CA ALA C 63 8.12 8.94 -8.44
C ALA C 63 7.27 9.90 -7.61
N LEU C 64 7.91 10.78 -6.85
CA LEU C 64 7.16 11.71 -6.00
C LEU C 64 6.30 12.65 -6.83
N LYS C 65 6.83 13.15 -7.95
CA LYS C 65 6.03 14.03 -8.81
C LYS C 65 4.77 13.33 -9.30
N ALA C 66 4.84 12.01 -9.51
CA ALA C 66 3.65 11.25 -9.88
C ALA C 66 2.71 11.08 -8.69
N LEU C 67 3.26 10.92 -7.48
CA LEU C 67 2.42 10.69 -6.30
C LEU C 67 1.54 11.90 -6.00
N GLN C 68 2.04 13.11 -6.28
CA GLN C 68 1.21 14.30 -6.10
C GLN C 68 0.05 14.30 -7.09
N ILE C 69 0.24 13.75 -8.29
CA ILE C 69 -0.84 13.73 -9.27
C ILE C 69 -1.95 12.79 -8.82
N LEU C 70 -1.61 11.71 -8.11
CA LEU C 70 -2.64 10.91 -7.47
C LEU C 70 -3.43 11.75 -6.48
N VAL C 71 -2.73 12.57 -5.69
CA VAL C 71 -3.39 13.46 -4.75
C VAL C 71 -4.27 14.46 -5.49
N ASN C 72 -3.74 15.05 -6.56
CA ASN C 72 -4.51 16.05 -7.29
C ASN C 72 -5.69 15.42 -8.04
N ALA C 73 -5.51 14.20 -8.55
CA ALA C 73 -6.62 13.52 -9.20
C ALA C 73 -7.67 13.04 -8.20
N ALA C 74 -7.22 12.43 -7.09
CA ALA C 74 -8.15 12.02 -6.06
C ALA C 74 -8.85 13.23 -5.42
N TYR C 75 -8.17 14.38 -5.39
CA TYR C 75 -8.81 15.59 -4.89
C TYR C 75 -9.92 16.04 -5.83
N VAL C 76 -9.63 16.09 -7.13
CA VAL C 76 -10.62 16.52 -8.11
C VAL C 76 -11.74 15.48 -8.22
N LEU C 77 -11.39 14.19 -8.09
CA LEU C 77 -12.42 13.15 -8.16
C LEU C 77 -13.35 13.19 -6.95
N ALA C 78 -12.85 13.64 -5.79
CA ALA C 78 -13.72 13.78 -4.62
C ALA C 78 -14.84 14.79 -4.89
N GLU C 79 -14.53 15.89 -5.57
CA GLU C 79 -15.54 16.89 -5.87
C GLU C 79 -16.63 16.30 -6.78
N ILE C 80 -16.22 15.65 -7.87
CA ILE C 80 -17.16 15.04 -8.82
C ILE C 80 -18.11 14.09 -8.10
N ALA C 81 -17.58 13.34 -7.14
CA ALA C 81 -18.42 12.50 -6.30
C ALA C 81 -19.28 13.36 -5.38
N ARG C 82 -18.69 14.40 -4.79
CA ARG C 82 -19.42 15.27 -3.87
C ARG C 82 -20.47 16.10 -4.58
N ASP C 83 -20.08 16.77 -5.67
CA ASP C 83 -21.02 17.66 -6.35
C ASP C 83 -22.19 16.88 -6.93
N ARG C 84 -21.92 15.70 -7.50
CA ARG C 84 -23.00 14.82 -7.94
C ARG C 84 -23.59 14.10 -6.73
N GLY C 85 -23.90 12.81 -6.89
CA GLY C 85 -24.42 12.03 -5.79
C GLY C 85 -23.80 10.64 -5.72
N ASN C 86 -22.68 10.45 -6.41
CA ASN C 86 -22.04 9.14 -6.50
C ASN C 86 -21.24 8.88 -5.23
N GLU C 87 -21.79 8.05 -4.35
CA GLU C 87 -21.05 7.54 -3.19
C GLU C 87 -20.11 6.38 -3.58
N GLU C 88 -20.03 6.16 -4.89
CA GLU C 88 -19.12 5.16 -5.44
C GLU C 88 -17.77 5.76 -5.82
N LEU C 89 -17.75 7.01 -6.30
CA LEU C 89 -16.49 7.66 -6.63
C LEU C 89 -15.70 8.04 -5.38
N LEU C 90 -16.37 8.58 -4.35
CA LEU C 90 -15.69 8.85 -3.08
C LEU C 90 -14.99 7.61 -2.54
N GLU C 91 -15.52 6.43 -2.85
CA GLU C 91 -14.87 5.18 -2.43
C GLU C 91 -13.61 4.89 -3.22
N LYS C 92 -13.48 5.43 -4.44
CA LYS C 92 -12.28 5.25 -5.24
C LYS C 92 -11.26 6.36 -5.03
N ALA C 93 -11.74 7.60 -4.83
CA ALA C 93 -10.82 8.71 -4.61
C ALA C 93 -10.01 8.51 -3.33
N ALA C 94 -10.61 7.90 -2.31
CA ALA C 94 -9.86 7.65 -1.08
C ALA C 94 -8.77 6.62 -1.30
N ARG C 95 -9.07 5.53 -2.01
CA ARG C 95 -8.06 4.53 -2.31
C ARG C 95 -6.92 5.14 -3.12
N LEU C 96 -7.24 6.05 -4.02
CA LEU C 96 -6.22 6.71 -4.82
C LEU C 96 -5.32 7.60 -3.96
N ALA C 97 -5.93 8.41 -3.08
CA ALA C 97 -5.14 9.25 -2.19
C ALA C 97 -4.38 8.42 -1.16
N GLU C 98 -5.02 7.37 -0.62
CA GLU C 98 -4.37 6.55 0.39
C GLU C 98 -3.17 5.81 -0.18
N GLU C 99 -3.22 5.44 -1.47
CA GLU C 99 -2.06 4.82 -2.11
C GLU C 99 -0.87 5.78 -2.10
N ALA C 100 -1.09 7.02 -2.53
CA ALA C 100 -0.04 8.03 -2.51
C ALA C 100 0.52 8.24 -1.11
N ALA C 101 -0.37 8.29 -0.11
CA ALA C 101 0.09 8.43 1.27
C ALA C 101 0.97 7.25 1.68
N ARG C 102 0.57 6.03 1.32
CA ARG C 102 1.36 4.85 1.68
C ARG C 102 2.72 4.86 0.99
N GLN C 103 2.73 5.18 -0.31
CA GLN C 103 3.98 5.18 -1.08
C GLN C 103 4.92 6.29 -0.63
N ALA C 104 4.38 7.44 -0.23
CA ALA C 104 5.21 8.54 0.24
C ALA C 104 6.04 8.13 1.45
N GLU C 105 5.42 7.44 2.41
CA GLU C 105 6.14 6.95 3.57
C GLU C 105 7.31 6.06 3.16
N GLU C 106 7.12 5.22 2.16
CA GLU C 106 8.20 4.36 1.67
C GLU C 106 9.37 5.17 1.16
N ILE C 107 9.14 6.05 0.19
CA ILE C 107 10.20 6.91 -0.32
C ILE C 107 10.81 7.73 0.82
N ALA C 108 9.97 8.15 1.76
CA ALA C 108 10.48 8.82 2.95
C ALA C 108 11.41 7.89 3.73
N ARG C 109 10.95 6.66 3.99
CA ARG C 109 11.79 5.72 4.72
C ARG C 109 13.10 5.47 3.98
N GLN C 110 13.02 5.29 2.66
CA GLN C 110 14.23 5.02 1.89
C GLN C 110 15.15 6.23 1.86
N ALA C 111 14.59 7.42 1.64
CA ALA C 111 15.43 8.62 1.56
C ALA C 111 16.07 8.93 2.91
N ARG C 112 15.33 8.73 4.00
CA ARG C 112 15.92 8.95 5.32
C ARG C 112 16.97 7.88 5.64
N LYS C 113 16.77 6.66 5.13
CA LYS C 113 17.74 5.59 5.38
C LYS C 113 19.03 5.82 4.60
N GLU C 114 18.93 6.47 3.44
CA GLU C 114 20.08 6.75 2.60
C GLU C 114 20.81 8.03 3.00
N GLY C 115 20.19 8.86 3.82
CA GLY C 115 20.73 10.16 4.18
C GLY C 115 20.36 11.29 3.24
N ASN C 116 19.39 11.09 2.37
CA ASN C 116 18.90 12.15 1.47
C ASN C 116 17.73 12.83 2.16
N LEU C 117 18.03 13.85 2.97
CA LEU C 117 16.99 14.49 3.77
C LEU C 117 16.05 15.30 2.90
N GLU C 118 16.58 16.02 1.90
CA GLU C 118 15.73 16.86 1.05
C GLU C 118 14.68 16.03 0.34
N LEU C 119 15.12 15.00 -0.41
CA LEU C 119 14.18 14.11 -1.07
C LEU C 119 13.17 13.52 -0.08
N ALA C 120 13.61 13.25 1.14
CA ALA C 120 12.69 12.76 2.17
C ALA C 120 11.60 13.79 2.47
N LEU C 121 11.97 15.05 2.65
CA LEU C 121 11.01 16.08 2.99
C LEU C 121 9.95 16.25 1.90
N LYS C 122 10.31 16.11 0.63
CA LYS C 122 9.30 16.20 -0.42
C LYS C 122 8.30 15.07 -0.30
N ALA C 123 8.76 13.88 0.10
CA ALA C 123 7.83 12.78 0.34
C ALA C 123 6.94 13.07 1.54
N LEU C 124 7.48 13.73 2.56
CA LEU C 124 6.66 14.12 3.70
C LEU C 124 5.62 15.16 3.30
N GLN C 125 5.93 16.03 2.34
CA GLN C 125 4.97 17.03 1.89
C GLN C 125 3.79 16.39 1.17
N ILE C 126 4.06 15.40 0.32
CA ILE C 126 2.99 14.64 -0.33
C ILE C 126 2.23 13.81 0.68
N LEU C 127 2.87 13.42 1.78
CA LEU C 127 2.16 12.70 2.83
C LEU C 127 1.11 13.58 3.48
N VAL C 128 1.43 14.86 3.71
CA VAL C 128 0.46 15.80 4.27
C VAL C 128 -0.63 16.11 3.26
N ASN C 129 -0.27 16.24 1.96
CA ASN C 129 -1.26 16.54 0.94
C ASN C 129 -2.27 15.42 0.77
N ALA C 130 -1.84 14.16 0.90
CA ALA C 130 -2.79 13.05 0.84
C ALA C 130 -3.69 13.05 2.07
N ALA C 131 -3.15 13.42 3.24
CA ALA C 131 -3.98 13.53 4.43
C ALA C 131 -5.02 14.64 4.28
N TYR C 132 -4.68 15.71 3.56
CA TYR C 132 -5.63 16.80 3.33
C TYR C 132 -6.81 16.34 2.50
N VAL C 133 -6.54 15.66 1.39
CA VAL C 133 -7.63 15.20 0.51
C VAL C 133 -8.51 14.20 1.24
N LEU C 134 -7.90 13.23 1.93
CA LEU C 134 -8.69 12.24 2.68
C LEU C 134 -9.55 12.91 3.75
N ALA C 135 -9.00 13.91 4.44
CA ALA C 135 -9.79 14.66 5.42
C ALA C 135 -10.99 15.33 4.77
N GLU C 136 -10.77 15.98 3.61
CA GLU C 136 -11.87 16.63 2.89
C GLU C 136 -12.93 15.63 2.45
N ILE C 137 -12.51 14.45 1.98
CA ILE C 137 -13.42 13.41 1.51
C ILE C 137 -14.29 12.85 2.64
N ALA C 138 -13.90 13.09 3.90
CA ALA C 138 -14.57 12.50 5.05
C ALA C 138 -15.59 13.41 5.71
N ARG C 139 -15.48 14.73 5.55
CA ARG C 139 -16.42 15.63 6.23
C ARG C 139 -17.79 15.64 5.57
N ASP C 140 -17.87 15.46 4.26
CA ASP C 140 -19.16 15.45 3.59
C ASP C 140 -19.80 14.07 3.53
N ARG C 141 -19.10 13.03 3.97
CA ARG C 141 -19.70 11.72 4.20
C ARG C 141 -19.83 11.40 5.68
N GLY C 142 -19.28 12.22 6.55
CA GLY C 142 -19.34 12.03 7.99
C GLY C 142 -18.69 10.75 8.49
N ASN C 143 -17.81 10.16 7.70
CA ASN C 143 -17.11 8.94 8.10
C ASN C 143 -15.91 9.30 8.97
N GLU C 144 -16.00 9.03 10.28
CA GLU C 144 -14.89 9.33 11.17
C GLU C 144 -13.71 8.40 10.96
N GLU C 145 -13.91 7.30 10.23
CA GLU C 145 -12.80 6.40 9.94
C GLU C 145 -11.75 7.08 9.06
N LEU C 146 -12.17 7.69 7.95
CA LEU C 146 -11.21 8.38 7.08
C LEU C 146 -10.66 9.62 7.77
N LEU C 147 -11.48 10.31 8.56
CA LEU C 147 -10.99 11.47 9.28
C LEU C 147 -10.01 11.09 10.38
N GLU C 148 -10.16 9.90 10.97
CA GLU C 148 -9.18 9.43 11.94
C GLU C 148 -7.89 8.97 11.26
N LYS C 149 -8.03 8.20 10.17
CA LYS C 149 -6.86 7.75 9.42
C LYS C 149 -6.06 8.95 8.91
N ALA C 150 -6.75 9.98 8.43
CA ALA C 150 -6.06 11.18 7.99
C ALA C 150 -5.31 11.85 9.13
N ALA C 151 -5.86 11.80 10.35
CA ALA C 151 -5.21 12.43 11.49
C ALA C 151 -3.82 11.84 11.75
N ARG C 152 -3.71 10.51 11.83
CA ARG C 152 -2.39 9.92 12.07
C ARG C 152 -1.46 10.14 10.88
N LEU C 153 -1.97 9.96 9.66
CA LEU C 153 -1.14 10.19 8.48
C LEU C 153 -0.61 11.61 8.45
N ALA C 154 -1.47 12.59 8.76
CA ALA C 154 -1.00 13.97 8.85
C ALA C 154 -0.09 14.16 10.06
N GLU C 155 -0.44 13.55 11.19
CA GLU C 155 0.37 13.68 12.39
C GLU C 155 1.73 13.00 12.20
N GLU C 156 1.76 11.84 11.54
CA GLU C 156 3.01 11.15 11.31
C GLU C 156 3.97 11.99 10.49
N ALA C 157 3.48 12.56 9.39
CA ALA C 157 4.28 13.49 8.59
C ALA C 157 4.77 14.66 9.44
N ALA C 158 3.94 15.12 10.38
CA ALA C 158 4.33 16.24 11.22
C ALA C 158 5.55 15.93 12.06
N ARG C 159 5.57 14.77 12.74
CA ARG C 159 6.70 14.45 13.61
C ARG C 159 7.98 14.20 12.79
N GLN C 160 7.85 13.50 11.66
CA GLN C 160 9.04 13.22 10.85
C GLN C 160 9.63 14.52 10.32
N ALA C 161 8.79 15.50 10.00
CA ALA C 161 9.31 16.80 9.61
C ALA C 161 9.99 17.49 10.79
N GLU C 162 9.47 17.28 12.00
CA GLU C 162 10.12 17.83 13.19
C GLU C 162 11.50 17.23 13.41
N GLU C 163 11.65 15.93 13.09
CA GLU C 163 12.93 15.25 13.26
C GLU C 163 13.98 15.76 12.28
N ILE C 164 13.60 15.89 11.00
CA ILE C 164 14.52 16.41 10.00
C ILE C 164 14.96 17.84 10.30
N ALA C 165 14.17 18.59 11.07
CA ALA C 165 14.57 19.95 11.43
C ALA C 165 15.72 19.93 12.43
N ARG C 166 15.62 19.07 13.45
CA ARG C 166 16.69 18.99 14.44
C ARG C 166 17.95 18.34 13.85
N GLN C 167 17.76 17.36 12.97
CA GLN C 167 18.89 16.70 12.32
C GLN C 167 19.71 17.69 11.50
N ALA C 168 19.08 18.76 11.01
CA ALA C 168 19.82 19.76 10.24
C ALA C 168 20.45 20.79 11.16
N ARG C 169 19.76 21.18 12.23
CA ARG C 169 20.30 22.15 13.17
C ARG C 169 21.34 21.54 14.10
N LYS C 170 21.57 20.24 13.99
CA LYS C 170 22.59 19.52 14.76
C LYS C 170 22.52 19.83 16.26
N GLU D 4 -18.89 -31.09 -5.57
CA GLU D 4 -18.53 -31.17 -4.16
C GLU D 4 -17.42 -32.19 -3.94
N LEU D 5 -17.78 -33.48 -4.01
CA LEU D 5 -16.80 -34.54 -3.82
C LEU D 5 -15.77 -34.59 -4.93
N ALA D 6 -16.16 -34.20 -6.15
CA ALA D 6 -15.21 -34.20 -7.25
C ALA D 6 -13.97 -33.35 -6.92
N LEU D 7 -14.18 -32.13 -6.44
CA LEU D 7 -13.03 -31.28 -6.12
C LEU D 7 -12.14 -31.94 -5.06
N LYS D 8 -12.74 -32.53 -4.04
CA LYS D 8 -11.95 -33.26 -3.05
C LYS D 8 -11.29 -34.47 -3.70
N ALA D 9 -11.97 -35.10 -4.65
CA ALA D 9 -11.36 -36.17 -5.43
C ALA D 9 -10.29 -35.64 -6.38
N LEU D 10 -10.52 -34.47 -6.99
CA LEU D 10 -9.53 -33.92 -7.91
C LEU D 10 -8.20 -33.64 -7.20
N GLN D 11 -8.25 -33.27 -5.92
CA GLN D 11 -7.02 -33.02 -5.18
C GLN D 11 -6.14 -34.26 -5.14
N ILE D 12 -6.75 -35.45 -5.11
CA ILE D 12 -5.95 -36.67 -5.12
C ILE D 12 -5.21 -36.80 -6.44
N LEU D 13 -5.80 -36.30 -7.53
CA LEU D 13 -5.11 -36.28 -8.81
C LEU D 13 -3.90 -35.35 -8.77
N VAL D 14 -4.08 -34.14 -8.23
CA VAL D 14 -2.97 -33.20 -8.06
C VAL D 14 -1.91 -33.77 -7.15
N ASN D 15 -2.31 -34.53 -6.13
CA ASN D 15 -1.35 -35.10 -5.19
C ASN D 15 -0.61 -36.28 -5.83
N ALA D 16 -1.35 -37.19 -6.45
CA ALA D 16 -0.71 -38.30 -7.16
C ALA D 16 0.17 -37.79 -8.28
N ALA D 17 -0.21 -36.69 -8.93
CA ALA D 17 0.64 -36.09 -9.94
C ALA D 17 1.93 -35.56 -9.30
N TYR D 18 1.82 -34.99 -8.10
CA TYR D 18 3.00 -34.51 -7.40
C TYR D 18 3.91 -35.66 -6.99
N VAL D 19 3.32 -36.73 -6.46
CA VAL D 19 4.12 -37.87 -6.02
C VAL D 19 4.79 -38.56 -7.20
N LEU D 20 4.03 -38.82 -8.27
CA LEU D 20 4.60 -39.48 -9.43
C LEU D 20 5.65 -38.60 -10.12
N ALA D 21 5.34 -37.32 -10.30
CA ALA D 21 6.27 -36.39 -10.93
C ALA D 21 7.51 -36.14 -10.07
N GLU D 22 7.38 -36.14 -8.74
CA GLU D 22 8.52 -35.88 -7.88
C GLU D 22 9.58 -36.97 -8.02
N ILE D 23 9.18 -38.23 -7.94
CA ILE D 23 10.12 -39.32 -8.16
C ILE D 23 10.69 -39.24 -9.58
N ALA D 24 9.86 -38.82 -10.53
CA ALA D 24 10.22 -38.80 -11.95
C ALA D 24 11.19 -37.68 -12.32
N ARG D 25 11.46 -36.74 -11.41
CA ARG D 25 12.35 -35.63 -11.74
C ARG D 25 13.80 -36.10 -11.85
N ASP D 26 14.27 -36.85 -10.85
CA ASP D 26 15.68 -37.20 -10.79
C ASP D 26 15.99 -38.54 -11.45
N ARG D 27 15.03 -39.46 -11.45
CA ARG D 27 15.25 -40.82 -11.95
C ARG D 27 15.17 -40.91 -13.47
N GLY D 28 15.00 -39.79 -14.16
CA GLY D 28 15.07 -39.80 -15.62
C GLY D 28 14.06 -40.65 -16.31
N ASN D 29 12.83 -40.76 -15.78
CA ASN D 29 11.74 -41.44 -16.42
C ASN D 29 10.88 -40.39 -17.12
N GLU D 30 10.87 -40.43 -18.45
CA GLU D 30 10.09 -39.46 -19.23
C GLU D 30 8.61 -39.82 -19.34
N GLU D 31 8.24 -41.07 -19.02
CA GLU D 31 6.83 -41.44 -19.10
C GLU D 31 6.03 -40.85 -17.95
N LEU D 32 6.50 -41.02 -16.71
CA LEU D 32 5.85 -40.39 -15.57
C LEU D 32 5.88 -38.87 -15.68
N LEU D 33 7.03 -38.33 -16.12
CA LEU D 33 7.22 -36.88 -16.24
C LEU D 33 6.19 -36.26 -17.17
N GLU D 34 5.51 -37.09 -17.95
CA GLU D 34 4.41 -36.67 -18.82
C GLU D 34 3.07 -37.27 -18.44
N LYS D 35 3.09 -38.44 -17.84
CA LYS D 35 1.82 -39.04 -17.39
C LYS D 35 1.33 -38.13 -16.29
N ALA D 36 2.24 -37.86 -15.36
CA ALA D 36 1.99 -37.00 -14.20
C ALA D 36 1.49 -35.64 -14.68
N ALA D 37 2.10 -35.05 -15.70
CA ALA D 37 1.62 -33.75 -16.20
C ALA D 37 0.22 -33.90 -16.79
N ARG D 38 -0.11 -35.05 -17.35
CA ARG D 38 -1.46 -35.16 -17.90
C ARG D 38 -2.49 -35.21 -16.78
N LEU D 39 -2.19 -35.93 -15.70
CA LEU D 39 -3.12 -35.99 -14.58
C LEU D 39 -3.43 -34.59 -14.06
N ALA D 40 -2.39 -33.76 -13.91
CA ALA D 40 -2.60 -32.39 -13.45
C ALA D 40 -3.37 -31.55 -14.47
N GLU D 41 -3.05 -31.67 -15.76
CA GLU D 41 -3.78 -30.92 -16.79
C GLU D 41 -5.26 -31.28 -16.79
N GLU D 42 -5.57 -32.57 -16.78
CA GLU D 42 -6.97 -32.98 -16.79
C GLU D 42 -7.66 -32.66 -15.47
N ALA D 43 -6.93 -32.75 -14.37
CA ALA D 43 -7.52 -32.39 -13.08
C ALA D 43 -7.65 -30.88 -12.93
N ALA D 44 -6.82 -30.11 -13.62
CA ALA D 44 -6.94 -28.65 -13.58
C ALA D 44 -8.13 -28.16 -14.39
N ARG D 45 -8.36 -28.73 -15.58
CA ARG D 45 -9.50 -28.33 -16.39
C ARG D 45 -10.82 -28.71 -15.71
N GLN D 46 -10.82 -29.80 -14.94
CA GLN D 46 -12.06 -30.25 -14.32
C GLN D 46 -12.44 -29.37 -13.15
N ALA D 47 -11.46 -28.73 -12.50
CA ALA D 47 -11.76 -27.83 -11.39
C ALA D 47 -12.18 -26.46 -11.90
N GLU D 48 -11.54 -25.97 -12.97
CA GLU D 48 -11.94 -24.70 -13.54
C GLU D 48 -13.37 -24.75 -14.05
N GLU D 49 -13.77 -25.89 -14.63
CA GLU D 49 -15.13 -26.04 -15.13
C GLU D 49 -16.12 -26.12 -13.97
N ILE D 50 -15.79 -26.90 -12.95
CA ILE D 50 -16.66 -27.01 -11.78
C ILE D 50 -16.76 -25.66 -11.08
N ALA D 51 -15.65 -24.92 -11.02
CA ALA D 51 -15.69 -23.56 -10.50
C ALA D 51 -16.68 -22.71 -11.28
N ARG D 52 -16.51 -22.64 -12.61
CA ARG D 52 -17.36 -21.80 -13.43
C ARG D 52 -18.82 -22.17 -13.30
N GLN D 53 -19.13 -23.47 -13.35
CA GLN D 53 -20.52 -23.90 -13.18
C GLN D 53 -21.05 -23.56 -11.79
N ALA D 54 -20.21 -23.75 -10.77
CA ALA D 54 -20.59 -23.41 -9.40
C ALA D 54 -20.55 -21.91 -9.16
N ARG D 55 -19.71 -21.18 -9.90
CA ARG D 55 -19.50 -19.74 -9.74
C ARG D 55 -20.80 -18.95 -9.65
N LYS D 56 -21.68 -19.12 -10.63
CA LYS D 56 -23.02 -18.56 -10.55
C LYS D 56 -24.02 -19.69 -10.71
N GLU D 57 -25.24 -19.42 -10.28
CA GLU D 57 -26.22 -20.37 -9.75
C GLU D 57 -26.01 -20.42 -8.25
N GLY D 58 -25.51 -19.31 -7.71
CA GLY D 58 -25.28 -19.19 -6.28
C GLY D 58 -23.99 -19.85 -5.84
N ASN D 59 -23.65 -19.60 -4.57
CA ASN D 59 -22.47 -20.15 -3.92
C ASN D 59 -21.17 -19.71 -4.60
N LEU D 60 -20.40 -18.89 -3.90
CA LEU D 60 -19.03 -18.53 -4.27
C LEU D 60 -18.00 -19.32 -3.49
N GLU D 61 -18.44 -20.04 -2.44
CA GLU D 61 -17.51 -20.80 -1.63
C GLU D 61 -17.04 -22.06 -2.36
N LEU D 62 -17.96 -22.73 -3.07
CA LEU D 62 -17.56 -23.89 -3.87
C LEU D 62 -16.70 -23.48 -5.05
N ALA D 63 -16.98 -22.31 -5.63
CA ALA D 63 -16.12 -21.75 -6.66
C ALA D 63 -14.70 -21.52 -6.13
N LEU D 64 -14.59 -20.99 -4.91
CA LEU D 64 -13.28 -20.75 -4.32
C LEU D 64 -12.54 -22.06 -4.06
N LYS D 65 -13.25 -23.07 -3.55
CA LYS D 65 -12.62 -24.37 -3.31
C LYS D 65 -12.10 -24.97 -4.61
N ALA D 66 -12.82 -24.76 -5.71
CA ALA D 66 -12.35 -25.24 -7.01
C ALA D 66 -11.17 -24.41 -7.50
N LEU D 67 -11.17 -23.11 -7.20
CA LEU D 67 -10.08 -22.25 -7.64
C LEU D 67 -8.75 -22.68 -7.02
N GLN D 68 -8.79 -23.28 -5.83
CA GLN D 68 -7.57 -23.75 -5.19
C GLN D 68 -6.91 -24.89 -5.97
N ILE D 69 -7.70 -25.72 -6.65
CA ILE D 69 -7.10 -26.81 -7.42
C ILE D 69 -6.39 -26.26 -8.65
N LEU D 70 -6.90 -25.19 -9.24
CA LEU D 70 -6.18 -24.53 -10.32
C LEU D 70 -4.83 -24.01 -9.84
N VAL D 71 -4.81 -23.39 -8.66
CA VAL D 71 -3.55 -22.92 -8.09
C VAL D 71 -2.63 -24.11 -7.80
N ASN D 72 -3.15 -25.14 -7.15
CA ASN D 72 -2.33 -26.29 -6.77
C ASN D 72 -1.92 -27.14 -7.98
N ALA D 73 -2.79 -27.27 -8.97
CA ALA D 73 -2.41 -28.01 -10.18
C ALA D 73 -1.37 -27.22 -10.98
N ALA D 74 -1.56 -25.91 -11.12
CA ALA D 74 -0.57 -25.10 -11.81
C ALA D 74 0.76 -25.14 -11.09
N TYR D 75 0.74 -25.31 -9.77
CA TYR D 75 1.97 -25.49 -9.03
C TYR D 75 2.64 -26.80 -9.41
N VAL D 76 1.87 -27.89 -9.47
CA VAL D 76 2.45 -29.18 -9.85
C VAL D 76 2.89 -29.16 -11.31
N LEU D 77 2.13 -28.50 -12.18
CA LEU D 77 2.55 -28.39 -13.58
C LEU D 77 3.77 -27.48 -13.71
N ALA D 78 3.89 -26.46 -12.85
CA ALA D 78 5.08 -25.61 -12.87
C ALA D 78 6.34 -26.40 -12.52
N GLU D 79 6.24 -27.31 -11.55
CA GLU D 79 7.40 -28.12 -11.16
C GLU D 79 7.86 -29.00 -12.31
N ILE D 80 6.93 -29.75 -12.91
CA ILE D 80 7.25 -30.55 -14.08
C ILE D 80 7.83 -29.69 -15.19
N ALA D 81 7.33 -28.45 -15.33
CA ALA D 81 7.87 -27.54 -16.33
C ALA D 81 9.33 -27.21 -16.03
N ARG D 82 9.65 -26.96 -14.76
CA ARG D 82 11.02 -26.69 -14.36
C ARG D 82 11.89 -27.95 -14.44
N ASP D 83 11.39 -29.06 -13.89
CA ASP D 83 12.17 -30.29 -13.84
C ASP D 83 12.44 -30.84 -15.24
N ARG D 84 11.51 -30.68 -16.17
CA ARG D 84 11.70 -31.14 -17.55
C ARG D 84 12.22 -30.06 -18.48
N GLY D 85 12.39 -28.83 -17.98
CA GLY D 85 12.91 -27.74 -18.78
C GLY D 85 11.96 -27.20 -19.83
N ASN D 86 10.73 -27.74 -19.92
CA ASN D 86 9.78 -27.27 -20.92
C ASN D 86 9.36 -25.84 -20.61
N GLU D 87 9.46 -24.98 -21.61
CA GLU D 87 9.04 -23.59 -21.45
C GLU D 87 7.59 -23.35 -21.86
N GLU D 88 7.03 -24.25 -22.68
CA GLU D 88 5.59 -24.22 -22.93
C GLU D 88 4.80 -24.65 -21.71
N LEU D 89 5.34 -25.58 -20.93
CA LEU D 89 4.67 -26.01 -19.70
C LEU D 89 4.69 -24.89 -18.66
N LEU D 90 5.82 -24.18 -18.55
CA LEU D 90 5.90 -23.00 -17.70
C LEU D 90 4.79 -22.01 -18.01
N GLU D 91 4.33 -22.00 -19.27
CA GLU D 91 3.31 -21.06 -19.71
C GLU D 91 1.95 -21.38 -19.14
N LYS D 92 1.44 -22.59 -19.42
CA LYS D 92 0.09 -22.93 -18.96
C LYS D 92 -0.02 -22.93 -17.45
N ALA D 93 1.07 -23.22 -16.75
CA ALA D 93 1.04 -23.17 -15.29
C ALA D 93 0.96 -21.73 -14.79
N ALA D 94 1.64 -20.81 -15.49
CA ALA D 94 1.56 -19.40 -15.10
C ALA D 94 0.20 -18.81 -15.42
N ARG D 95 -0.31 -19.09 -16.61
CA ARG D 95 -1.63 -18.59 -17.00
C ARG D 95 -2.73 -19.13 -16.10
N LEU D 96 -2.60 -20.38 -15.68
CA LEU D 96 -3.62 -20.99 -14.82
C LEU D 96 -3.67 -20.31 -13.46
N ALA D 97 -2.51 -20.03 -12.85
CA ALA D 97 -2.49 -19.39 -11.55
C ALA D 97 -3.07 -17.98 -11.61
N GLU D 98 -2.73 -17.21 -12.64
CA GLU D 98 -3.29 -15.85 -12.71
C GLU D 98 -4.79 -15.87 -12.96
N GLU D 99 -5.29 -16.87 -13.71
CA GLU D 99 -6.73 -16.99 -13.89
C GLU D 99 -7.41 -17.23 -12.55
N ALA D 100 -6.90 -18.19 -11.78
CA ALA D 100 -7.44 -18.42 -10.44
C ALA D 100 -7.34 -17.17 -9.60
N ALA D 101 -6.21 -16.46 -9.67
CA ALA D 101 -6.09 -15.16 -9.00
C ALA D 101 -7.09 -14.17 -9.56
N ARG D 102 -7.27 -14.17 -10.88
CA ARG D 102 -8.22 -13.25 -11.51
C ARG D 102 -9.64 -13.55 -11.05
N GLN D 103 -10.01 -14.83 -11.01
CA GLN D 103 -11.37 -15.19 -10.62
C GLN D 103 -11.63 -14.86 -9.16
N ALA D 104 -10.64 -15.07 -8.30
CA ALA D 104 -10.77 -14.74 -6.88
C ALA D 104 -10.94 -13.25 -6.65
N GLU D 105 -10.15 -12.42 -7.34
CA GLU D 105 -10.23 -10.97 -7.19
C GLU D 105 -11.66 -10.48 -7.37
N GLU D 106 -12.36 -10.98 -8.38
CA GLU D 106 -13.76 -10.63 -8.56
C GLU D 106 -14.58 -11.06 -7.36
N ILE D 107 -14.50 -12.34 -7.00
CA ILE D 107 -15.25 -12.86 -5.85
C ILE D 107 -14.90 -12.07 -4.59
N ALA D 108 -13.64 -11.67 -4.44
CA ALA D 108 -13.27 -10.80 -3.33
C ALA D 108 -14.00 -9.47 -3.43
N ARG D 109 -13.91 -8.82 -4.60
CA ARG D 109 -14.61 -7.56 -4.82
C ARG D 109 -16.13 -7.76 -4.75
N GLN D 110 -16.63 -8.86 -5.34
CA GLN D 110 -18.06 -9.11 -5.36
C GLN D 110 -18.61 -9.40 -3.96
N ALA D 111 -17.90 -10.20 -3.18
CA ALA D 111 -18.40 -10.56 -1.85
C ALA D 111 -18.41 -9.37 -0.91
N ARG D 112 -17.41 -8.49 -1.00
CA ARG D 112 -17.37 -7.33 -0.14
C ARG D 112 -18.49 -6.35 -0.46
N LYS D 113 -18.92 -6.29 -1.72
CA LYS D 113 -20.03 -5.42 -2.07
C LYS D 113 -21.35 -5.95 -1.52
N GLU D 114 -21.43 -7.27 -1.30
CA GLU D 114 -22.63 -7.90 -0.76
C GLU D 114 -22.71 -7.83 0.76
N GLY D 115 -21.62 -7.49 1.44
CA GLY D 115 -21.58 -7.50 2.89
C GLY D 115 -21.17 -8.80 3.52
N ASN D 116 -20.59 -9.72 2.76
CA ASN D 116 -20.09 -10.98 3.33
C ASN D 116 -18.63 -10.85 3.73
N LEU D 119 -16.19 -14.79 3.12
CA LEU D 119 -16.23 -15.10 1.70
C LEU D 119 -15.17 -14.31 0.93
N ALA D 120 -15.04 -13.03 1.30
CA ALA D 120 -13.98 -12.20 0.76
C ALA D 120 -12.62 -12.70 1.21
N LEU D 121 -12.49 -13.01 2.50
CA LEU D 121 -11.21 -13.44 3.04
C LEU D 121 -10.72 -14.72 2.39
N LYS D 122 -11.65 -15.63 2.07
CA LYS D 122 -11.31 -16.86 1.37
C LYS D 122 -10.85 -16.60 -0.06
N ALA D 123 -11.44 -15.60 -0.72
CA ALA D 123 -10.99 -15.23 -2.06
C ALA D 123 -9.63 -14.56 -2.01
N LEU D 124 -9.38 -13.74 -0.99
CA LEU D 124 -8.08 -13.10 -0.84
C LEU D 124 -6.99 -14.11 -0.55
N GLN D 125 -7.31 -15.22 0.13
CA GLN D 125 -6.32 -16.24 0.41
C GLN D 125 -5.82 -16.92 -0.86
N ILE D 126 -6.72 -17.12 -1.83
CA ILE D 126 -6.32 -17.70 -3.11
C ILE D 126 -5.42 -16.73 -3.87
N LEU D 127 -5.58 -15.43 -3.63
CA LEU D 127 -4.73 -14.46 -4.32
C LEU D 127 -3.27 -14.60 -3.92
N VAL D 128 -2.98 -14.77 -2.62
CA VAL D 128 -1.60 -14.97 -2.22
C VAL D 128 -1.09 -16.34 -2.67
N ASN D 129 -1.93 -17.37 -2.59
CA ASN D 129 -1.49 -18.68 -3.04
C ASN D 129 -1.23 -18.70 -4.54
N ALA D 130 -2.08 -18.01 -5.32
CA ALA D 130 -1.82 -17.92 -6.75
C ALA D 130 -0.63 -17.02 -7.03
N ALA D 131 -0.50 -15.92 -6.28
CA ALA D 131 0.66 -15.05 -6.43
C ALA D 131 1.94 -15.75 -5.98
N TYR D 132 1.85 -16.64 -5.01
CA TYR D 132 3.04 -17.36 -4.56
C TYR D 132 3.56 -18.27 -5.67
N VAL D 133 2.66 -19.01 -6.32
CA VAL D 133 3.06 -19.89 -7.42
C VAL D 133 3.63 -19.07 -8.57
N LEU D 134 2.95 -17.96 -8.92
CA LEU D 134 3.47 -17.08 -9.97
C LEU D 134 4.84 -16.56 -9.60
N ALA D 135 5.06 -16.28 -8.32
CA ALA D 135 6.39 -15.92 -7.84
C ALA D 135 7.40 -17.02 -8.14
N GLU D 136 7.03 -18.27 -7.87
CA GLU D 136 7.93 -19.39 -8.16
C GLU D 136 8.18 -19.55 -9.66
N ILE D 137 7.12 -19.46 -10.48
CA ILE D 137 7.30 -19.63 -11.93
C ILE D 137 8.10 -18.48 -12.53
N ALA D 138 8.23 -17.36 -11.81
CA ALA D 138 8.99 -16.22 -12.30
C ALA D 138 10.40 -16.21 -11.76
N ARG D 139 10.56 -16.83 -10.58
CA ARG D 139 11.84 -16.90 -9.83
C ARG D 139 12.68 -18.03 -10.39
N ASP D 140 12.02 -18.99 -11.05
CA ASP D 140 12.71 -20.14 -11.68
C ASP D 140 12.81 -19.87 -13.18
N ARG D 141 13.17 -18.63 -13.51
CA ARG D 141 13.30 -18.12 -14.88
C ARG D 141 13.86 -16.71 -14.80
N GLY D 142 13.22 -15.78 -15.49
CA GLY D 142 13.73 -14.42 -15.50
C GLY D 142 12.74 -13.43 -16.06
N ASN D 143 11.45 -13.78 -16.08
CA ASN D 143 10.45 -12.84 -16.58
C ASN D 143 10.26 -11.84 -15.46
N GLU D 144 10.78 -10.63 -15.69
CA GLU D 144 10.63 -9.54 -14.72
C GLU D 144 9.21 -9.02 -14.73
N GLU D 145 8.44 -9.31 -15.77
CA GLU D 145 7.03 -8.95 -15.78
C GLU D 145 6.24 -9.78 -14.79
N LEU D 146 6.40 -11.11 -14.85
CA LEU D 146 5.65 -11.99 -13.96
C LEU D 146 6.06 -11.83 -12.50
N LEU D 147 7.35 -11.59 -12.26
CA LEU D 147 7.79 -11.34 -10.88
C LEU D 147 7.23 -10.03 -10.36
N GLU D 148 6.99 -9.08 -11.27
CA GLU D 148 6.33 -7.83 -10.91
C GLU D 148 4.82 -8.03 -10.70
N LYS D 149 4.16 -8.74 -11.61
CA LYS D 149 2.73 -9.00 -11.49
C LYS D 149 2.38 -9.74 -10.21
N ALA D 150 3.16 -10.78 -9.88
CA ALA D 150 2.89 -11.52 -8.65
C ALA D 150 3.08 -10.67 -7.41
N ALA D 151 4.08 -9.79 -7.42
CA ALA D 151 4.24 -8.87 -6.30
C ALA D 151 3.03 -7.95 -6.18
N ARG D 152 2.57 -7.41 -7.31
CA ARG D 152 1.41 -6.52 -7.28
C ARG D 152 0.16 -7.27 -6.81
N LEU D 153 -0.05 -8.49 -7.32
CA LEU D 153 -1.16 -9.31 -6.87
C LEU D 153 -1.05 -9.63 -5.39
N ALA D 154 0.18 -9.91 -4.92
CA ALA D 154 0.38 -10.21 -3.50
C ALA D 154 0.13 -8.99 -2.62
N GLU D 155 0.55 -7.81 -3.08
CA GLU D 155 0.29 -6.59 -2.30
C GLU D 155 -1.20 -6.32 -2.21
N GLU D 156 -1.94 -6.61 -3.28
CA GLU D 156 -3.39 -6.45 -3.34
C GLU D 156 -4.08 -7.19 -2.20
N ALA D 157 -3.89 -8.51 -2.14
CA ALA D 157 -4.47 -9.32 -1.07
C ALA D 157 -4.06 -8.79 0.29
N ALA D 158 -2.81 -8.32 0.43
CA ALA D 158 -2.34 -7.77 1.69
C ALA D 158 -3.12 -6.51 2.07
N ARG D 159 -3.21 -5.54 1.14
CA ARG D 159 -3.89 -4.29 1.46
C ARG D 159 -5.37 -4.52 1.78
N GLN D 160 -6.05 -5.33 0.99
CA GLN D 160 -7.48 -5.55 1.21
C GLN D 160 -7.73 -6.30 2.51
N ALA D 161 -6.84 -7.24 2.87
CA ALA D 161 -7.03 -7.97 4.13
C ALA D 161 -6.86 -7.07 5.34
N GLU D 162 -6.00 -6.04 5.24
CA GLU D 162 -5.86 -5.12 6.35
C GLU D 162 -7.17 -4.38 6.62
N GLU D 163 -7.93 -4.09 5.56
CA GLU D 163 -9.23 -3.46 5.72
C GLU D 163 -10.24 -4.42 6.36
N ILE D 164 -10.32 -5.64 5.84
CA ILE D 164 -11.26 -6.62 6.38
C ILE D 164 -10.96 -6.92 7.85
N ALA D 165 -9.69 -6.76 8.26
CA ALA D 165 -9.35 -6.93 9.66
C ALA D 165 -9.78 -5.72 10.49
N ARG D 166 -9.61 -4.51 9.93
CA ARG D 166 -9.82 -3.28 10.69
C ARG D 166 -11.25 -3.18 11.20
N GLN D 167 -12.22 -3.47 10.33
CA GLN D 167 -13.65 -3.30 10.65
C GLN D 167 -14.19 -4.42 11.53
N ALA D 168 -13.54 -5.59 11.54
CA ALA D 168 -14.03 -6.68 12.35
C ALA D 168 -13.67 -6.47 13.81
N ARG D 169 -12.51 -5.84 14.08
CA ARG D 169 -12.10 -5.63 15.45
C ARG D 169 -12.92 -4.56 16.16
N LYS D 170 -13.78 -3.84 15.43
CA LYS D 170 -14.80 -3.03 16.06
C LYS D 170 -15.93 -3.88 16.63
N GLU D 171 -15.90 -5.19 16.38
CA GLU D 171 -16.85 -6.15 16.92
C GLU D 171 -16.21 -7.08 17.93
N GLY D 172 -14.95 -6.85 18.31
CA GLY D 172 -14.26 -7.68 19.26
C GLY D 172 -14.14 -7.03 20.63
N GLY E 1 -16.02 -9.32 19.45
CA GLY E 1 -16.08 -10.70 19.97
C GLY E 1 -15.73 -11.71 18.90
N ASN E 2 -15.56 -11.21 17.69
CA ASN E 2 -15.19 -11.98 16.48
C ASN E 2 -13.82 -11.46 16.03
N LEU E 3 -12.79 -11.81 16.79
CA LEU E 3 -11.42 -11.38 16.49
C LEU E 3 -10.85 -12.36 15.47
N GLU E 4 -11.52 -13.50 15.31
CA GLU E 4 -11.10 -14.60 14.41
C GLU E 4 -11.22 -14.26 12.93
N LEU E 5 -11.83 -13.15 12.55
CA LEU E 5 -11.82 -12.82 11.11
C LEU E 5 -10.60 -11.94 10.87
N ALA E 6 -10.09 -11.31 11.93
CA ALA E 6 -8.87 -10.49 11.89
C ALA E 6 -7.70 -11.46 11.89
N LEU E 7 -7.80 -12.54 12.67
CA LEU E 7 -6.65 -13.43 12.54
C LEU E 7 -6.56 -13.98 11.12
N LYS E 8 -7.70 -14.32 10.51
CA LYS E 8 -7.68 -14.83 9.15
C LYS E 8 -7.14 -13.78 8.18
N ALA E 9 -7.44 -12.50 8.40
CA ALA E 9 -6.81 -11.44 7.62
C ALA E 9 -5.34 -11.26 7.99
N LEU E 10 -5.01 -11.35 9.28
CA LEU E 10 -3.62 -11.18 9.72
C LEU E 10 -2.72 -12.28 9.16
N GLN E 11 -3.23 -13.51 9.12
CA GLN E 11 -2.46 -14.60 8.53
C GLN E 11 -2.27 -14.38 7.03
N ILE E 12 -3.26 -13.79 6.37
CA ILE E 12 -3.12 -13.48 4.95
C ILE E 12 -2.06 -12.40 4.73
N LEU E 13 -1.89 -11.50 5.70
CA LEU E 13 -0.81 -10.52 5.63
C LEU E 13 0.55 -11.21 5.66
N VAL E 14 0.69 -12.22 6.52
CA VAL E 14 1.92 -12.99 6.56
C VAL E 14 2.16 -13.68 5.22
N ASN E 15 1.10 -14.07 4.52
CA ASN E 15 1.28 -14.77 3.25
C ASN E 15 1.83 -13.83 2.17
N ALA E 16 1.24 -12.64 2.05
CA ALA E 16 1.77 -11.65 1.12
C ALA E 16 3.19 -11.25 1.49
N ALA E 17 3.49 -11.20 2.79
CA ALA E 17 4.85 -10.91 3.22
C ALA E 17 5.80 -12.04 2.81
N TYR E 18 5.33 -13.28 2.88
CA TYR E 18 6.16 -14.41 2.46
C TYR E 18 6.39 -14.37 0.96
N VAL E 19 5.32 -14.13 0.20
CA VAL E 19 5.43 -14.05 -1.26
C VAL E 19 6.27 -12.86 -1.68
N LEU E 20 6.05 -11.71 -1.05
CA LEU E 20 6.82 -10.51 -1.41
C LEU E 20 8.29 -10.68 -1.10
N ALA E 21 8.62 -11.23 0.08
CA ALA E 21 10.01 -11.47 0.42
C ALA E 21 10.64 -12.56 -0.46
N GLU E 22 9.88 -13.63 -0.70
CA GLU E 22 10.36 -14.67 -1.61
C GLU E 22 10.52 -13.99 -2.98
N ILE E 23 9.48 -13.33 -3.50
CA ILE E 23 9.51 -12.65 -4.83
C ILE E 23 10.75 -11.76 -4.96
N ALA E 24 11.08 -10.97 -3.95
CA ALA E 24 12.23 -10.06 -4.02
C ALA E 24 13.45 -10.68 -3.35
N ARG E 25 14.12 -11.56 -4.09
CA ARG E 25 15.37 -12.24 -3.71
C ARG E 25 15.90 -12.86 -5.01
N ASP E 26 15.02 -13.13 -5.98
CA ASP E 26 15.49 -13.49 -7.33
C ASP E 26 15.87 -12.14 -7.91
N ARG E 27 14.88 -11.42 -8.39
CA ARG E 27 15.14 -10.01 -8.74
C ARG E 27 15.40 -9.41 -7.35
N GLY E 28 16.53 -8.75 -7.10
CA GLY E 28 16.83 -8.30 -5.72
C GLY E 28 16.19 -7.01 -5.27
N ASN E 29 14.88 -6.82 -5.48
CA ASN E 29 14.15 -5.59 -5.03
C ASN E 29 14.42 -5.39 -3.54
N GLU E 30 14.83 -4.18 -3.16
CA GLU E 30 15.19 -3.91 -1.75
C GLU E 30 14.02 -3.21 -1.07
N GLU E 31 13.00 -2.85 -1.85
CA GLU E 31 11.77 -2.29 -1.29
C GLU E 31 10.84 -3.39 -0.77
N LEU E 32 10.64 -4.45 -1.56
CA LEU E 32 9.76 -5.54 -1.15
C LEU E 32 10.19 -6.16 0.19
N LEU E 33 11.49 -6.36 0.40
CA LEU E 33 11.94 -6.95 1.66
C LEU E 33 11.57 -6.09 2.86
N GLU E 34 11.56 -4.76 2.70
CA GLU E 34 11.11 -3.89 3.78
C GLU E 34 9.58 -3.80 3.84
N LYS E 35 8.91 -3.99 2.71
CA LYS E 35 7.46 -4.04 2.73
C LYS E 35 6.98 -5.35 3.34
N ALA E 36 7.54 -6.48 2.88
CA ALA E 36 7.18 -7.77 3.43
C ALA E 36 7.48 -7.84 4.93
N ALA E 37 8.67 -7.41 5.32
CA ALA E 37 9.01 -7.34 6.74
C ALA E 37 8.02 -6.49 7.51
N ARG E 38 7.66 -5.32 6.98
CA ARG E 38 6.72 -4.45 7.67
C ARG E 38 5.35 -5.09 7.79
N LEU E 39 4.90 -5.81 6.76
CA LEU E 39 3.64 -6.53 6.85
C LEU E 39 3.69 -7.54 7.99
N ALA E 40 4.78 -8.30 8.09
CA ALA E 40 4.88 -9.30 9.15
C ALA E 40 4.92 -8.66 10.52
N GLU E 41 5.74 -7.61 10.68
CA GLU E 41 5.79 -6.93 11.96
C GLU E 41 4.44 -6.30 12.31
N GLU E 42 3.63 -5.98 11.29
CA GLU E 42 2.28 -5.50 11.55
C GLU E 42 1.34 -6.66 11.86
N ALA E 43 1.49 -7.79 11.17
CA ALA E 43 0.69 -8.95 11.49
C ALA E 43 1.07 -9.51 12.86
N ALA E 44 2.31 -9.30 13.30
CA ALA E 44 2.72 -9.67 14.65
C ALA E 44 2.19 -8.70 15.69
N ARG E 45 2.21 -7.40 15.39
CA ARG E 45 1.70 -6.42 16.34
C ARG E 45 0.21 -6.62 16.60
N GLN E 46 -0.56 -6.90 15.54
CA GLN E 46 -2.01 -7.03 15.69
C GLN E 46 -2.38 -8.36 16.35
N ALA E 47 -1.62 -9.41 16.09
CA ALA E 47 -1.91 -10.71 16.70
C ALA E 47 -1.69 -10.66 18.21
N GLU E 48 -0.67 -9.92 18.65
CA GLU E 48 -0.38 -9.83 20.08
C GLU E 48 -1.54 -9.22 20.85
N GLU E 49 -2.20 -8.20 20.29
CA GLU E 49 -3.31 -7.58 21.01
C GLU E 49 -4.52 -8.52 21.06
N ILE E 50 -4.86 -9.14 19.93
CA ILE E 50 -5.97 -10.09 19.91
C ILE E 50 -5.66 -11.29 20.80
N ALA E 51 -4.39 -11.72 20.82
CA ALA E 51 -3.96 -12.75 21.75
C ALA E 51 -4.20 -12.30 23.19
N ARG E 52 -3.66 -11.13 23.55
CA ARG E 52 -3.81 -10.63 24.91
C ARG E 52 -5.26 -10.33 25.25
N GLN E 53 -5.98 -9.68 24.34
CA GLN E 53 -7.40 -9.35 24.55
C GLN E 53 -8.20 -10.64 24.67
N ALA E 54 -8.17 -11.44 23.63
CA ALA E 54 -8.89 -12.73 23.60
C ALA E 54 -8.48 -13.63 24.75
N ARG E 55 -7.20 -13.70 25.10
CA ARG E 55 -6.80 -14.61 26.18
C ARG E 55 -7.45 -14.21 27.51
N LYS E 56 -7.56 -12.92 27.77
CA LYS E 56 -8.08 -12.39 29.05
C LYS E 56 -9.60 -12.30 29.08
N GLU E 57 -10.27 -12.70 28.01
CA GLU E 57 -11.76 -12.73 27.98
C GLU E 57 -12.21 -14.18 28.20
N GLY E 58 -11.29 -15.03 28.68
CA GLY E 58 -11.53 -16.45 29.03
C GLY E 58 -11.53 -17.38 27.85
N ASN E 59 -10.85 -17.00 26.78
CA ASN E 59 -10.94 -17.79 25.53
C ASN E 59 -10.10 -19.05 25.52
N LEU E 60 -8.78 -18.90 25.59
CA LEU E 60 -7.84 -20.05 25.48
C LEU E 60 -8.21 -20.77 24.18
N GLU E 61 -8.26 -20.05 23.05
CA GLU E 61 -8.53 -20.59 21.69
C GLU E 61 -8.20 -19.50 20.69
N LEU E 62 -8.68 -18.29 20.92
CA LEU E 62 -8.27 -17.12 20.11
C LEU E 62 -6.91 -16.69 20.65
N ALA E 63 -6.62 -16.98 21.91
CA ALA E 63 -5.27 -16.74 22.42
C ALA E 63 -4.34 -17.58 21.56
N LEU E 64 -4.65 -18.87 21.37
CA LEU E 64 -3.81 -19.75 20.54
C LEU E 64 -3.94 -19.39 19.07
N LYS E 65 -5.14 -19.16 18.57
CA LYS E 65 -5.22 -18.83 17.15
C LYS E 65 -4.45 -17.55 16.83
N ALA E 66 -4.44 -16.59 17.76
CA ALA E 66 -3.59 -15.41 17.59
C ALA E 66 -2.13 -15.75 17.83
N LEU E 67 -1.85 -16.63 18.81
CA LEU E 67 -0.46 -16.99 19.09
C LEU E 67 0.17 -17.74 17.94
N GLN E 68 -0.61 -18.55 17.20
CA GLN E 68 -0.05 -19.24 16.04
C GLN E 68 0.42 -18.25 14.98
N ILE E 69 -0.30 -17.14 14.82
CA ILE E 69 0.07 -16.14 13.84
C ILE E 69 1.32 -15.38 14.27
N LEU E 70 1.54 -15.22 15.59
CA LEU E 70 2.82 -14.69 16.05
C LEU E 70 3.96 -15.61 15.61
N VAL E 71 3.75 -16.92 15.71
CA VAL E 71 4.73 -17.88 15.22
C VAL E 71 4.89 -17.77 13.71
N ASN E 72 3.76 -17.72 12.99
CA ASN E 72 3.81 -17.69 11.53
C ASN E 72 4.37 -16.39 11.00
N ALA E 73 4.11 -15.27 11.69
CA ALA E 73 4.71 -14.00 11.29
C ALA E 73 6.21 -13.98 11.59
N ALA E 74 6.59 -14.49 12.76
CA ALA E 74 8.00 -14.56 13.12
C ALA E 74 8.80 -15.45 12.19
N TYR E 75 8.14 -16.45 11.58
CA TYR E 75 8.83 -17.31 10.62
C TYR E 75 9.25 -16.52 9.39
N VAL E 76 8.33 -15.73 8.83
CA VAL E 76 8.64 -14.94 7.65
C VAL E 76 9.70 -13.89 7.96
N LEU E 77 9.67 -13.33 9.17
CA LEU E 77 10.65 -12.31 9.53
C LEU E 77 12.06 -12.88 9.64
N ALA E 78 12.20 -14.14 10.06
CA ALA E 78 13.52 -14.76 10.09
C ALA E 78 14.11 -14.90 8.69
N GLU E 79 13.29 -15.30 7.72
CA GLU E 79 13.76 -15.47 6.35
C GLU E 79 14.24 -14.14 5.79
N ILE E 80 13.40 -13.09 5.90
CA ILE E 80 13.81 -11.76 5.46
C ILE E 80 15.08 -11.33 6.18
N ALA E 81 15.20 -11.69 7.46
CA ALA E 81 16.40 -11.37 8.23
C ALA E 81 17.62 -12.07 7.64
N ARG E 82 17.48 -13.32 7.21
CA ARG E 82 18.58 -14.06 6.61
C ARG E 82 18.98 -13.45 5.28
N ASP E 83 17.99 -13.16 4.43
CA ASP E 83 18.26 -12.64 3.09
C ASP E 83 18.96 -11.29 3.13
N ARG E 84 18.53 -10.40 4.04
CA ARG E 84 19.17 -9.10 4.18
C ARG E 84 20.48 -9.20 4.95
N ASN E 86 20.97 -9.44 8.74
CA ASN E 86 20.43 -8.40 9.63
C ASN E 86 19.95 -9.03 10.93
N GLU E 87 20.65 -8.71 12.03
CA GLU E 87 20.26 -9.25 13.33
C GLU E 87 19.10 -8.50 13.95
N GLU E 88 18.82 -7.27 13.51
CA GLU E 88 17.70 -6.53 14.08
C GLU E 88 16.39 -7.26 13.87
N LEU E 89 16.21 -7.88 12.71
CA LEU E 89 15.06 -8.75 12.52
C LEU E 89 15.27 -10.09 13.23
N LEU E 90 16.47 -10.68 13.10
CA LEU E 90 16.77 -11.91 13.82
C LEU E 90 16.53 -11.80 15.32
N GLU E 91 16.75 -10.61 15.88
CA GLU E 91 16.41 -10.40 17.28
C GLU E 91 14.91 -10.22 17.45
N LYS E 92 14.32 -9.34 16.64
CA LYS E 92 12.88 -9.11 16.71
C LYS E 92 12.09 -10.37 16.35
N ALA E 93 12.57 -11.15 15.38
CA ALA E 93 11.92 -12.41 15.05
C ALA E 93 12.06 -13.43 16.18
N ALA E 94 13.17 -13.37 16.92
CA ALA E 94 13.38 -14.31 18.03
C ALA E 94 12.39 -14.07 19.16
N ARG E 95 12.15 -12.81 19.51
CA ARG E 95 11.22 -12.50 20.59
C ARG E 95 9.81 -12.99 20.27
N LEU E 96 9.39 -12.87 19.01
CA LEU E 96 8.04 -13.28 18.65
C LEU E 96 7.85 -14.79 18.81
N ALA E 97 8.78 -15.58 18.27
CA ALA E 97 8.68 -17.03 18.43
C ALA E 97 8.86 -17.44 19.88
N GLU E 98 9.82 -16.82 20.57
CA GLU E 98 10.08 -17.14 21.96
C GLU E 98 8.94 -16.68 22.87
N GLU E 99 8.31 -15.54 22.54
CA GLU E 99 7.15 -15.09 23.30
C GLU E 99 5.97 -16.03 23.10
N ALA E 100 5.63 -16.30 21.84
CA ALA E 100 4.53 -17.22 21.55
C ALA E 100 4.76 -18.58 22.19
N ALA E 101 6.00 -19.07 22.15
CA ALA E 101 6.33 -20.34 22.80
C ALA E 101 6.07 -20.28 24.31
N ARG E 102 6.47 -19.18 24.95
CA ARG E 102 6.28 -19.08 26.40
C ARG E 102 4.79 -19.07 26.77
N GLN E 103 3.96 -18.36 25.99
CA GLN E 103 2.54 -18.25 26.30
C GLN E 103 1.82 -19.58 26.14
N ALA E 104 2.25 -20.41 25.19
CA ALA E 104 1.59 -21.69 24.98
C ALA E 104 1.61 -22.56 26.24
N GLU E 105 2.77 -22.63 26.91
CA GLU E 105 2.87 -23.40 28.15
C GLU E 105 1.83 -22.95 29.16
N GLU E 106 1.67 -21.63 29.32
CA GLU E 106 0.68 -21.09 30.24
C GLU E 106 -0.73 -21.53 29.86
N ILE E 107 -1.15 -21.27 28.63
CA ILE E 107 -2.45 -21.70 28.16
C ILE E 107 -2.58 -23.22 28.24
N ALA E 108 -1.49 -23.95 28.00
CA ALA E 108 -1.49 -25.40 28.18
C ALA E 108 -1.73 -25.78 29.63
N ARG E 109 -0.99 -25.16 30.55
CA ARG E 109 -1.17 -25.45 31.97
C ARG E 109 -2.59 -25.13 32.44
N GLN E 110 -3.15 -24.02 31.96
CA GLN E 110 -4.52 -23.67 32.33
C GLN E 110 -5.51 -24.67 31.73
N ALA E 111 -5.26 -25.10 30.48
CA ALA E 111 -6.18 -26.01 29.81
C ALA E 111 -6.21 -27.38 30.47
N ARG E 112 -5.07 -27.86 30.97
CA ARG E 112 -5.03 -29.18 31.59
C ARG E 112 -5.86 -29.24 32.87
N LYS E 113 -5.93 -28.14 33.62
CA LYS E 113 -6.69 -28.11 34.86
C LYS E 113 -8.19 -28.08 34.63
N GLU E 114 -8.65 -27.53 33.50
CA GLU E 114 -10.07 -27.43 33.18
C GLU E 114 -10.62 -28.71 32.58
N GLY E 115 -9.75 -29.63 32.18
CA GLY E 115 -10.17 -30.83 31.48
C GLY E 115 -10.30 -30.64 29.99
N ASN E 116 -9.76 -29.54 29.46
CA ASN E 116 -9.75 -29.30 28.02
C ASN E 116 -8.41 -29.78 27.43
N LEU E 117 -8.28 -31.11 27.37
CA LEU E 117 -7.08 -31.72 26.83
C LEU E 117 -6.91 -31.38 25.36
N GLU E 118 -8.02 -31.36 24.61
CA GLU E 118 -7.97 -30.93 23.21
C GLU E 118 -7.40 -29.53 23.11
N LEU E 119 -7.81 -28.63 24.00
CA LEU E 119 -7.23 -27.29 24.03
C LEU E 119 -5.76 -27.33 24.43
N ALA E 120 -5.40 -28.21 25.36
CA ALA E 120 -4.01 -28.36 25.77
C ALA E 120 -3.16 -28.83 24.60
N LEU E 121 -3.63 -29.86 23.87
CA LEU E 121 -2.87 -30.40 22.75
C LEU E 121 -2.61 -29.32 21.70
N LYS E 122 -3.58 -28.45 21.47
CA LYS E 122 -3.37 -27.34 20.54
C LYS E 122 -2.35 -26.35 21.08
N ALA E 123 -2.33 -26.12 22.39
CA ALA E 123 -1.31 -25.24 22.95
C ALA E 123 0.08 -25.86 22.81
N LEU E 124 0.17 -27.18 22.97
CA LEU E 124 1.46 -27.85 22.77
C LEU E 124 1.91 -27.77 21.32
N GLN E 125 0.98 -27.82 20.37
CA GLN E 125 1.34 -27.75 18.96
C GLN E 125 1.89 -26.38 18.58
N ILE E 126 1.29 -25.30 19.09
CA ILE E 126 1.86 -23.98 18.80
C ILE E 126 3.23 -23.84 19.46
N LEU E 127 3.44 -24.53 20.57
CA LEU E 127 4.76 -24.54 21.20
C LEU E 127 5.77 -25.29 20.35
N VAL E 128 5.38 -26.44 19.81
CA VAL E 128 6.30 -27.19 18.96
C VAL E 128 6.57 -26.43 17.67
N ASN E 129 5.55 -25.78 17.11
CA ASN E 129 5.77 -25.00 15.91
C ASN E 129 6.68 -23.82 16.20
N ALA E 130 6.54 -23.21 17.38
CA ALA E 130 7.45 -22.14 17.79
C ALA E 130 8.84 -22.67 18.07
N ALA E 131 8.95 -23.87 18.65
CA ALA E 131 10.26 -24.48 18.87
C ALA E 131 10.97 -24.74 17.56
N TYR E 132 10.21 -25.10 16.52
CA TYR E 132 10.81 -25.26 15.19
C TYR E 132 11.34 -23.94 14.66
N VAL E 133 10.56 -22.86 14.82
CA VAL E 133 10.99 -21.56 14.33
C VAL E 133 12.29 -21.13 14.99
N LEU E 134 12.40 -21.32 16.31
CA LEU E 134 13.65 -21.00 16.99
C LEU E 134 14.81 -21.79 16.42
N ALA E 135 14.59 -23.07 16.11
CA ALA E 135 15.64 -23.86 15.48
C ALA E 135 16.07 -23.23 14.17
N GLU E 136 15.11 -22.85 13.33
CA GLU E 136 15.45 -22.15 12.10
C GLU E 136 16.08 -20.79 12.41
N ILE E 137 15.49 -20.06 13.37
CA ILE E 137 16.00 -18.74 13.75
C ILE E 137 17.34 -18.81 14.48
N ALA E 138 17.73 -19.97 15.01
CA ALA E 138 18.97 -20.06 15.78
C ALA E 138 20.14 -20.55 14.93
N ARG E 139 19.86 -21.31 13.87
CA ARG E 139 20.92 -21.81 13.01
C ARG E 139 21.45 -20.74 12.06
N ASP E 140 20.67 -19.69 11.83
CA ASP E 140 21.04 -18.52 11.03
C ASP E 140 22.11 -17.66 11.69
N ARG E 141 22.65 -18.09 12.83
CA ARG E 141 23.75 -17.41 13.47
C ARG E 141 24.77 -18.37 14.08
N GLY E 142 24.57 -19.68 13.96
CA GLY E 142 25.48 -20.65 14.55
C GLY E 142 25.51 -20.61 16.06
N ASN E 143 24.48 -20.06 16.68
CA ASN E 143 24.41 -19.93 18.13
C ASN E 143 23.99 -21.26 18.76
N GLU E 144 24.94 -21.94 19.40
CA GLU E 144 24.64 -23.21 20.06
C GLU E 144 23.85 -23.05 21.35
N GLU E 145 23.86 -21.86 21.97
CA GLU E 145 23.12 -21.61 23.21
C GLU E 145 21.59 -21.57 23.09
N LEU E 146 21.07 -20.74 22.17
CA LEU E 146 19.62 -20.68 21.95
C LEU E 146 19.12 -21.95 21.26
N LEU E 147 19.98 -22.57 20.44
CA LEU E 147 19.62 -23.81 19.76
C LEU E 147 19.44 -24.95 20.77
N GLU E 148 20.11 -24.87 21.91
CA GLU E 148 19.88 -25.85 22.97
C GLU E 148 18.51 -25.65 23.60
N LYS E 149 18.15 -24.39 23.90
CA LYS E 149 16.82 -24.10 24.40
C LYS E 149 15.73 -24.57 23.44
N ALA E 150 15.97 -24.40 22.14
CA ALA E 150 15.00 -24.85 21.14
C ALA E 150 14.77 -26.35 21.22
N ALA E 151 15.82 -27.12 21.54
CA ALA E 151 15.66 -28.54 21.76
C ALA E 151 14.75 -28.82 22.95
N ARG E 152 14.94 -28.07 24.04
CA ARG E 152 14.11 -28.27 25.22
C ARG E 152 12.65 -27.94 24.95
N LEU E 153 12.40 -26.83 24.25
CA LEU E 153 11.04 -26.40 23.99
C LEU E 153 10.23 -27.43 23.22
N ALA E 154 10.82 -28.02 22.18
CA ALA E 154 10.11 -29.05 21.43
C ALA E 154 10.01 -30.34 22.24
N GLU E 155 11.11 -30.76 22.86
CA GLU E 155 11.10 -32.00 23.64
C GLU E 155 10.31 -31.86 24.94
N GLU E 156 10.10 -30.65 25.43
CA GLU E 156 9.24 -30.46 26.59
C GLU E 156 7.79 -30.82 26.26
N ALA E 157 7.28 -30.28 25.14
CA ALA E 157 5.92 -30.56 24.71
C ALA E 157 5.70 -32.06 24.53
N ALA E 158 6.70 -32.76 24.00
CA ALA E 158 6.58 -34.21 23.86
C ALA E 158 6.46 -34.89 25.22
N ARG E 159 7.26 -34.44 26.19
CA ARG E 159 7.10 -34.90 27.57
C ARG E 159 5.74 -34.52 28.14
N GLN E 160 5.10 -33.47 27.61
CA GLN E 160 3.72 -33.20 28.00
C GLN E 160 2.75 -33.99 27.14
N ALA E 161 3.03 -34.12 25.85
CA ALA E 161 2.12 -34.86 24.98
C ALA E 161 2.08 -36.35 25.33
N GLU E 162 3.21 -36.92 25.72
CA GLU E 162 3.22 -38.32 26.11
C GLU E 162 2.36 -38.56 27.36
N GLU E 163 2.27 -37.58 28.27
CA GLU E 163 1.39 -37.72 29.42
C GLU E 163 -0.07 -37.66 28.98
N ILE E 164 -0.44 -36.68 28.16
CA ILE E 164 -1.81 -36.55 27.67
C ILE E 164 -2.19 -37.74 26.80
N ALA E 165 -1.22 -38.38 26.14
CA ALA E 165 -1.50 -39.57 25.35
C ALA E 165 -1.71 -40.79 26.23
N ARG E 166 -0.77 -41.07 27.13
CA ARG E 166 -0.78 -42.32 27.86
C ARG E 166 -1.98 -42.44 28.79
N GLN E 167 -2.46 -41.31 29.31
CA GLN E 167 -3.59 -41.29 30.25
C GLN E 167 -4.94 -41.25 29.55
N ALA E 168 -5.02 -40.68 28.35
CA ALA E 168 -6.29 -40.62 27.64
C ALA E 168 -6.81 -42.02 27.34
N ARG E 169 -5.90 -42.95 27.02
CA ARG E 169 -6.25 -44.32 26.70
C ARG E 169 -6.61 -45.14 27.94
N LYS E 170 -6.73 -44.50 29.09
CA LYS E 170 -7.09 -45.16 30.35
C LYS E 170 -8.52 -44.82 30.76
N GLU E 171 -9.43 -44.68 29.79
CA GLU E 171 -10.81 -44.31 30.07
C GLU E 171 -11.64 -44.63 28.83
N GLY E 172 -12.50 -45.64 28.92
CA GLY E 172 -13.41 -45.98 27.85
C GLY E 172 -12.77 -46.31 26.52
N ASN F 2 -11.10 -41.51 24.77
CA ASN F 2 -11.20 -40.85 23.47
C ASN F 2 -10.05 -41.28 22.56
N LEU F 3 -10.39 -41.71 21.34
CA LEU F 3 -9.41 -42.25 20.40
C LEU F 3 -8.82 -41.17 19.49
N GLU F 4 -9.64 -40.23 19.03
CA GLU F 4 -9.11 -39.08 18.31
C GLU F 4 -8.16 -38.28 19.18
N LEU F 5 -8.49 -38.14 20.47
CA LEU F 5 -7.66 -37.38 21.39
C LEU F 5 -6.32 -38.05 21.62
N ALA F 6 -6.28 -39.39 21.60
CA ALA F 6 -5.01 -40.10 21.71
C ALA F 6 -4.10 -39.80 20.53
N LEU F 7 -4.63 -39.89 19.29
CA LEU F 7 -3.83 -39.65 18.09
C LEU F 7 -3.29 -38.22 18.04
N LYS F 8 -4.11 -37.23 18.42
CA LYS F 8 -3.67 -35.84 18.38
C LYS F 8 -2.48 -35.59 19.28
N ALA F 9 -2.41 -36.30 20.41
CA ALA F 9 -1.21 -36.26 21.24
C ALA F 9 -0.05 -36.96 20.55
N LEU F 10 -0.33 -38.05 19.81
CA LEU F 10 0.74 -38.74 19.10
C LEU F 10 1.37 -37.85 18.03
N GLN F 11 0.58 -37.00 17.38
CA GLN F 11 1.10 -36.13 16.33
C GLN F 11 2.15 -35.18 16.86
N ILE F 12 1.98 -34.69 18.08
CA ILE F 12 2.97 -33.81 18.68
C ILE F 12 4.26 -34.57 18.95
N LEU F 13 4.16 -35.87 19.22
CA LEU F 13 5.36 -36.67 19.45
C LEU F 13 6.22 -36.76 18.20
N VAL F 14 5.60 -37.05 17.05
CA VAL F 14 6.36 -37.07 15.80
C VAL F 14 6.83 -35.68 15.41
N ASN F 15 6.04 -34.64 15.70
CA ASN F 15 6.41 -33.29 15.32
C ASN F 15 7.58 -32.80 16.15
N ALA F 16 7.52 -32.99 17.47
CA ALA F 16 8.64 -32.66 18.33
C ALA F 16 9.87 -33.48 17.98
N ALA F 17 9.66 -34.73 17.56
CA ALA F 17 10.78 -35.57 17.11
C ALA F 17 11.41 -35.01 15.85
N TYR F 18 10.59 -34.41 14.97
CA TYR F 18 11.13 -33.83 13.74
C TYR F 18 12.03 -32.63 14.05
N VAL F 19 11.61 -31.76 14.97
CA VAL F 19 12.41 -30.60 15.33
C VAL F 19 13.72 -31.03 15.98
N LEU F 20 13.65 -32.02 16.88
CA LEU F 20 14.85 -32.45 17.60
C LEU F 20 15.89 -33.02 16.63
N ALA F 21 15.46 -33.81 15.66
CA ALA F 21 16.41 -34.35 14.68
C ALA F 21 17.06 -33.24 13.87
N GLU F 22 16.31 -32.18 13.58
CA GLU F 22 16.88 -31.04 12.85
C GLU F 22 17.94 -30.36 13.71
N ILE F 23 17.62 -30.10 14.97
CA ILE F 23 18.60 -29.55 15.91
C ILE F 23 19.79 -30.48 16.02
N ALA F 24 19.56 -31.79 15.96
CA ALA F 24 20.62 -32.77 16.11
C ALA F 24 21.50 -32.80 14.88
N GLY F 28 26.18 -33.84 14.59
CA GLY F 28 25.71 -32.59 15.23
C GLY F 28 25.08 -32.85 16.59
N ASN F 29 25.14 -34.12 16.99
CA ASN F 29 24.68 -34.86 18.21
C ASN F 29 23.95 -36.09 17.69
N GLU F 30 24.44 -37.28 18.01
CA GLU F 30 23.80 -38.51 17.52
C GLU F 30 22.91 -39.09 18.63
N GLU F 31 22.67 -38.29 19.67
CA GLU F 31 21.83 -38.66 20.83
C GLU F 31 20.44 -38.15 20.54
N LEU F 32 20.34 -36.84 20.35
CA LEU F 32 19.04 -36.27 19.94
C LEU F 32 18.67 -36.96 18.63
N LEU F 33 19.65 -37.28 17.78
CA LEU F 33 19.24 -37.92 16.54
C LEU F 33 18.70 -39.31 16.80
N GLU F 34 19.24 -40.02 17.78
CA GLU F 34 18.70 -41.31 18.19
C GLU F 34 17.51 -41.15 19.14
N LYS F 35 17.45 -40.04 19.88
CA LYS F 35 16.29 -39.78 20.72
C LYS F 35 15.08 -39.41 19.89
N ALA F 36 15.26 -38.52 18.91
CA ALA F 36 14.16 -38.23 17.99
C ALA F 36 13.80 -39.45 17.17
N ALA F 37 14.75 -40.37 16.97
CA ALA F 37 14.46 -41.59 16.21
C ALA F 37 13.55 -42.51 17.01
N ARG F 38 13.91 -42.77 18.28
CA ARG F 38 13.06 -43.59 19.13
C ARG F 38 11.73 -42.90 19.43
N LEU F 39 11.77 -41.57 19.57
CA LEU F 39 10.56 -40.78 19.84
C LEU F 39 9.50 -40.99 18.76
N ALA F 40 9.91 -41.00 17.50
CA ALA F 40 8.97 -41.24 16.41
C ALA F 40 8.38 -42.64 16.51
N GLU F 41 9.18 -43.61 16.96
CA GLU F 41 8.72 -44.98 17.04
C GLU F 41 7.52 -45.11 17.96
N GLU F 42 7.55 -44.41 19.10
CA GLU F 42 6.47 -44.50 20.08
C GLU F 42 5.15 -44.03 19.51
N ALA F 43 5.14 -42.88 18.85
CA ALA F 43 3.92 -42.42 18.20
C ALA F 43 3.53 -43.35 17.05
N ALA F 44 4.51 -44.02 16.46
CA ALA F 44 4.21 -45.02 15.43
C ALA F 44 3.68 -46.31 16.05
N ARG F 45 4.27 -46.73 17.16
CA ARG F 45 3.84 -47.98 17.82
C ARG F 45 2.50 -47.73 18.51
N GLN F 46 2.05 -46.50 18.59
CA GLN F 46 0.78 -46.22 19.28
C GLN F 46 -0.28 -46.01 18.21
N ALA F 47 0.12 -45.47 17.10
CA ALA F 47 -0.81 -45.29 15.98
C ALA F 47 -1.33 -46.64 15.51
N GLU F 48 -0.48 -47.66 15.30
CA GLU F 48 -0.97 -48.94 14.79
C GLU F 48 -2.02 -49.53 15.73
N GLU F 49 -1.80 -49.41 17.04
CA GLU F 49 -2.75 -49.96 17.99
C GLU F 49 -4.06 -49.18 17.94
N ILE F 50 -3.99 -47.85 17.90
CA ILE F 50 -5.23 -47.08 17.77
C ILE F 50 -5.91 -47.38 16.44
N ALA F 51 -5.12 -47.51 15.37
CA ALA F 51 -5.69 -47.92 14.08
C ALA F 51 -6.31 -49.32 14.17
N ARG F 52 -5.50 -50.31 14.57
CA ARG F 52 -6.00 -51.68 14.64
C ARG F 52 -7.17 -51.78 15.62
N GLN F 53 -7.05 -51.15 16.80
CA GLN F 53 -8.15 -51.14 17.76
C GLN F 53 -9.36 -50.43 17.18
N ALA F 54 -9.14 -49.37 16.40
CA ALA F 54 -10.28 -48.68 15.80
C ALA F 54 -10.91 -49.51 14.68
N ARG F 55 -10.10 -50.20 13.91
CA ARG F 55 -10.74 -51.03 12.87
C ARG F 55 -11.55 -52.11 13.58
N LYS F 56 -11.27 -52.35 14.86
CA LYS F 56 -11.94 -53.43 15.64
C LYS F 56 -13.33 -52.98 16.09
N GLU F 57 -13.61 -51.69 16.02
CA GLU F 57 -14.99 -51.24 16.30
C GLU F 57 -15.52 -50.77 14.95
N GLY F 58 -16.17 -49.63 14.89
CA GLY F 58 -16.67 -49.21 13.57
C GLY F 58 -15.99 -47.92 13.16
N ASN F 59 -14.74 -47.78 13.56
CA ASN F 59 -14.04 -46.51 13.29
C ASN F 59 -13.13 -46.64 12.08
N LEU F 60 -13.72 -46.57 10.89
CA LEU F 60 -12.95 -46.56 9.63
C LEU F 60 -12.36 -45.16 9.48
N GLU F 61 -13.03 -44.15 10.02
CA GLU F 61 -12.50 -42.77 9.93
C GLU F 61 -11.40 -42.60 10.97
N LEU F 62 -11.68 -42.91 12.23
CA LEU F 62 -10.66 -42.82 13.27
C LEU F 62 -9.43 -43.62 12.89
N ALA F 63 -9.63 -44.78 12.27
CA ALA F 63 -8.49 -45.57 11.78
C ALA F 63 -7.67 -44.80 10.76
N LEU F 64 -8.33 -44.14 9.80
CA LEU F 64 -7.59 -43.42 8.76
C LEU F 64 -6.75 -42.31 9.37
N LYS F 65 -7.32 -41.57 10.33
CA LYS F 65 -6.54 -40.54 11.01
C LYS F 65 -5.35 -41.16 11.74
N ALA F 66 -5.50 -42.39 12.23
CA ALA F 66 -4.38 -43.11 12.81
C ALA F 66 -3.40 -43.59 11.74
N LEU F 67 -3.91 -44.03 10.59
CA LEU F 67 -3.04 -44.51 9.53
C LEU F 67 -2.17 -43.39 8.97
N GLN F 68 -2.68 -42.15 8.96
CA GLN F 68 -1.85 -41.02 8.55
C GLN F 68 -0.70 -40.80 9.51
N ILE F 69 -0.89 -41.08 10.80
CA ILE F 69 0.20 -40.88 11.74
C ILE F 69 1.30 -41.91 11.52
N LEU F 70 0.93 -43.12 11.08
CA LEU F 70 1.94 -44.08 10.65
C LEU F 70 2.75 -43.52 9.50
N VAL F 71 2.09 -42.88 8.54
CA VAL F 71 2.79 -42.23 7.43
C VAL F 71 3.68 -41.11 7.94
N ASN F 72 3.15 -40.27 8.86
CA ASN F 72 3.91 -39.14 9.37
C ASN F 72 5.08 -39.57 10.23
N ALA F 73 4.96 -40.68 10.96
CA ALA F 73 6.07 -41.20 11.75
C ALA F 73 7.17 -41.78 10.86
N ALA F 74 6.78 -42.54 9.82
CA ALA F 74 7.77 -43.08 8.89
C ALA F 74 8.48 -41.97 8.12
N TYR F 75 7.81 -40.85 7.87
CA TYR F 75 8.48 -39.73 7.22
C TYR F 75 9.55 -39.15 8.13
N VAL F 76 9.22 -38.94 9.42
CA VAL F 76 10.22 -38.43 10.35
C VAL F 76 11.32 -39.47 10.56
N LEU F 77 10.97 -40.76 10.60
CA LEU F 77 12.01 -41.77 10.70
C LEU F 77 12.85 -41.86 9.42
N ALA F 78 12.23 -41.57 8.27
CA ALA F 78 12.99 -41.53 7.02
C ALA F 78 14.05 -40.43 7.06
N GLU F 79 13.69 -39.26 7.58
CA GLU F 79 14.66 -38.17 7.70
C GLU F 79 15.77 -38.52 8.68
N ILE F 80 15.41 -38.96 9.88
CA ILE F 80 16.40 -39.38 10.87
C ILE F 80 17.31 -40.47 10.32
N ALA F 81 16.76 -41.34 9.47
CA ALA F 81 17.56 -42.39 8.84
C ALA F 81 18.62 -41.81 7.91
N ARG F 82 18.25 -40.78 7.13
CA ARG F 82 19.21 -40.18 6.20
C ARG F 82 20.32 -39.44 6.94
N ASP F 83 19.95 -38.57 7.89
CA ASP F 83 20.95 -37.76 8.57
C ASP F 83 21.90 -38.62 9.39
N ARG F 84 21.38 -39.62 10.11
CA ARG F 84 22.25 -40.57 10.78
C ARG F 84 22.98 -41.48 9.80
N GLY F 85 22.45 -41.62 8.58
CA GLY F 85 23.05 -42.53 7.62
C GLY F 85 23.03 -43.96 8.11
N ASN F 86 21.89 -44.40 8.63
CA ASN F 86 21.72 -45.73 9.20
C ASN F 86 20.67 -46.48 8.39
N GLU F 87 21.10 -47.54 7.71
CA GLU F 87 20.19 -48.34 6.90
C GLU F 87 19.20 -49.13 7.75
N GLU F 88 19.48 -49.30 9.05
CA GLU F 88 18.53 -49.97 9.92
C GLU F 88 17.23 -49.17 10.02
N LEU F 89 17.34 -47.84 10.04
CA LEU F 89 16.13 -47.02 10.05
C LEU F 89 15.47 -46.97 8.68
N LEU F 90 16.25 -46.70 7.62
CA LEU F 90 15.69 -46.74 6.27
C LEU F 90 15.03 -48.07 5.97
N GLU F 91 15.53 -49.16 6.54
CA GLU F 91 14.92 -50.47 6.32
C GLU F 91 13.62 -50.61 7.09
N LYS F 92 13.66 -50.34 8.40
CA LYS F 92 12.48 -50.58 9.22
C LYS F 92 11.41 -49.52 9.03
N ALA F 93 11.80 -48.30 8.67
CA ALA F 93 10.82 -47.23 8.47
C ALA F 93 10.08 -47.39 7.16
N ALA F 94 10.73 -47.90 6.12
CA ALA F 94 10.06 -48.11 4.85
C ALA F 94 8.97 -49.17 4.96
N ARG F 95 9.26 -50.27 5.65
CA ARG F 95 8.25 -51.31 5.87
C ARG F 95 7.07 -50.76 6.65
N LEU F 96 7.33 -49.87 7.62
CA LEU F 96 6.25 -49.25 8.38
C LEU F 96 5.36 -48.38 7.49
N ALA F 97 5.98 -47.60 6.59
CA ALA F 97 5.21 -46.74 5.70
C ALA F 97 4.30 -47.56 4.80
N GLU F 98 4.76 -48.74 4.37
CA GLU F 98 3.94 -49.61 3.52
C GLU F 98 2.71 -50.10 4.25
N GLU F 99 2.81 -50.30 5.57
CA GLU F 99 1.68 -50.80 6.34
C GLU F 99 0.49 -49.86 6.28
N ALA F 100 0.71 -48.56 6.53
CA ALA F 100 -0.38 -47.60 6.46
C ALA F 100 -1.05 -47.62 5.09
N ALA F 101 -0.25 -47.70 4.02
CA ALA F 101 -0.81 -47.79 2.68
C ALA F 101 -1.65 -49.06 2.49
N ARG F 102 -1.17 -50.22 2.98
CA ARG F 102 -1.91 -51.45 2.73
C ARG F 102 -3.27 -51.43 3.43
N GLN F 103 -3.31 -51.03 4.69
CA GLN F 103 -4.58 -51.04 5.40
C GLN F 103 -5.50 -49.94 4.90
N ALA F 104 -4.94 -48.77 4.56
CA ALA F 104 -5.75 -47.69 3.99
C ALA F 104 -6.35 -48.13 2.65
N GLU F 105 -5.54 -48.79 1.83
CA GLU F 105 -6.04 -49.32 0.56
C GLU F 105 -7.24 -50.23 0.79
N GLU F 106 -7.17 -51.09 1.81
CA GLU F 106 -8.31 -51.94 2.17
C GLU F 106 -9.53 -51.10 2.52
N ILE F 107 -9.38 -50.19 3.50
CA ILE F 107 -10.48 -49.32 3.91
C ILE F 107 -11.01 -48.53 2.73
N ALA F 108 -10.12 -48.14 1.81
CA ALA F 108 -10.58 -47.48 0.58
C ALA F 108 -11.50 -48.39 -0.20
N ARG F 109 -11.09 -49.64 -0.43
CA ARG F 109 -11.94 -50.60 -1.14
C ARG F 109 -13.25 -50.82 -0.40
N GLN F 110 -13.20 -50.92 0.93
CA GLN F 110 -14.41 -51.14 1.70
C GLN F 110 -15.36 -49.95 1.62
N ALA F 111 -14.82 -48.73 1.68
CA ALA F 111 -15.66 -47.54 1.68
C ALA F 111 -16.42 -47.38 0.37
N ARG F 112 -15.78 -47.69 -0.76
CA ARG F 112 -16.47 -47.57 -2.04
C ARG F 112 -17.57 -48.61 -2.20
N LYS F 113 -17.38 -49.80 -1.59
CA LYS F 113 -18.39 -50.85 -1.72
C LYS F 113 -19.65 -50.53 -0.94
N GLU F 114 -19.53 -49.77 0.14
CA GLU F 114 -20.67 -49.36 0.94
C GLU F 114 -21.32 -48.07 0.44
N GLY F 115 -20.67 -47.36 -0.47
CA GLY F 115 -21.18 -46.08 -0.93
C GLY F 115 -20.74 -44.88 -0.12
N ASN F 116 -19.71 -45.04 0.72
CA ASN F 116 -19.16 -43.92 1.50
C ASN F 116 -18.05 -43.29 0.68
N LEU F 117 -18.46 -42.50 -0.31
CA LEU F 117 -17.49 -41.92 -1.25
C LEU F 117 -16.58 -40.90 -0.57
N GLU F 118 -17.09 -40.20 0.45
CA GLU F 118 -16.25 -39.25 1.18
C GLU F 118 -15.16 -39.97 1.96
N LEU F 119 -15.45 -41.16 2.47
CA LEU F 119 -14.49 -41.89 3.30
C LEU F 119 -13.44 -42.60 2.46
N ALA F 120 -13.82 -43.10 1.28
CA ALA F 120 -12.85 -43.72 0.39
C ALA F 120 -11.80 -42.71 -0.07
N LEU F 121 -12.25 -41.53 -0.49
CA LEU F 121 -11.32 -40.49 -0.92
C LEU F 121 -10.42 -40.06 0.24
N LYS F 122 -10.93 -40.09 1.48
CA LYS F 122 -10.08 -39.82 2.63
C LYS F 122 -9.03 -40.90 2.78
N ALA F 123 -9.39 -42.15 2.48
CA ALA F 123 -8.42 -43.24 2.45
C ALA F 123 -7.49 -43.12 1.25
N LEU F 124 -8.01 -42.67 0.10
CA LEU F 124 -7.18 -42.50 -1.09
C LEU F 124 -6.13 -41.43 -0.91
N GLN F 125 -6.42 -40.40 -0.12
CA GLN F 125 -5.42 -39.37 0.16
C GLN F 125 -4.25 -39.96 0.93
N ILE F 126 -4.53 -40.88 1.86
CA ILE F 126 -3.48 -41.55 2.60
C ILE F 126 -2.66 -42.45 1.69
N LEU F 127 -3.29 -42.95 0.61
CA LEU F 127 -2.55 -43.76 -0.36
C LEU F 127 -1.50 -42.92 -1.07
N VAL F 128 -1.84 -41.68 -1.41
CA VAL F 128 -0.89 -40.79 -2.07
C VAL F 128 0.23 -40.40 -1.12
N ASN F 129 -0.10 -40.14 0.16
CA ASN F 129 0.91 -39.73 1.12
C ASN F 129 1.90 -40.85 1.39
N ALA F 130 1.43 -42.10 1.44
CA ALA F 130 2.34 -43.22 1.65
C ALA F 130 3.24 -43.42 0.44
N ALA F 131 2.70 -43.27 -0.76
CA ALA F 131 3.53 -43.35 -1.95
C ALA F 131 4.58 -42.24 -1.97
N TYR F 132 4.21 -41.06 -1.46
CA TYR F 132 5.16 -39.96 -1.39
C TYR F 132 6.33 -40.26 -0.45
N VAL F 133 6.04 -40.79 0.73
CA VAL F 133 7.10 -41.09 1.70
C VAL F 133 8.07 -42.11 1.14
N LEU F 134 7.56 -43.16 0.51
CA LEU F 134 8.44 -44.17 -0.08
C LEU F 134 9.39 -43.56 -1.11
N ALA F 135 8.92 -42.55 -1.84
CA ALA F 135 9.79 -41.84 -2.79
C ALA F 135 11.03 -41.26 -2.11
N GLU F 136 10.83 -40.62 -0.96
CA GLU F 136 11.97 -40.08 -0.21
C GLU F 136 12.91 -41.20 0.26
N ILE F 137 12.35 -42.31 0.76
CA ILE F 137 13.14 -43.45 1.21
C ILE F 137 13.86 -44.14 0.05
N ALA F 138 13.42 -43.89 -1.17
CA ALA F 138 13.97 -44.59 -2.33
C ALA F 138 15.09 -43.80 -2.99
N ARG F 139 15.11 -42.48 -2.82
CA ARG F 139 16.23 -41.70 -3.36
C ARG F 139 17.46 -41.80 -2.49
N ASP F 140 17.26 -41.91 -1.17
CA ASP F 140 18.39 -42.15 -0.28
C ASP F 140 18.98 -43.53 -0.49
N ARG F 141 18.21 -44.44 -1.06
CA ARG F 141 18.63 -45.82 -1.29
C ARG F 141 18.83 -46.19 -2.75
N GLY F 142 18.04 -45.61 -3.65
CA GLY F 142 18.10 -45.98 -5.05
C GLY F 142 17.50 -47.34 -5.36
N ASN F 143 16.69 -47.87 -4.46
CA ASN F 143 16.07 -49.18 -4.65
C ASN F 143 14.83 -49.05 -5.53
N GLU F 144 14.89 -49.63 -6.73
CA GLU F 144 13.78 -49.56 -7.68
C GLU F 144 12.54 -50.30 -7.20
N GLU F 145 12.65 -51.12 -6.16
CA GLU F 145 11.45 -51.75 -5.63
C GLU F 145 10.50 -50.70 -5.08
N LEU F 146 10.99 -49.82 -4.20
CA LEU F 146 10.15 -48.75 -3.68
C LEU F 146 9.85 -47.71 -4.74
N LEU F 147 10.79 -47.43 -5.63
CA LEU F 147 10.57 -46.43 -6.66
C LEU F 147 9.50 -46.85 -7.66
N GLU F 148 9.39 -48.15 -7.95
CA GLU F 148 8.28 -48.63 -8.76
C GLU F 148 7.00 -48.78 -7.95
N LYS F 149 7.09 -49.43 -6.78
CA LYS F 149 5.92 -49.63 -5.94
C LYS F 149 5.29 -48.31 -5.52
N ALA F 150 6.12 -47.33 -5.10
CA ALA F 150 5.56 -46.04 -4.73
C ALA F 150 4.89 -45.39 -5.94
N ALA F 151 5.47 -45.56 -7.13
CA ALA F 151 4.82 -45.10 -8.35
C ALA F 151 3.50 -45.85 -8.57
N ARG F 152 3.51 -47.16 -8.37
CA ARG F 152 2.29 -47.95 -8.55
C ARG F 152 1.21 -47.50 -7.57
N LEU F 153 1.58 -47.29 -6.31
CA LEU F 153 0.62 -46.81 -5.32
C LEU F 153 0.03 -45.47 -5.73
N ALA F 154 0.88 -44.57 -6.24
CA ALA F 154 0.39 -43.27 -6.69
C ALA F 154 -0.51 -43.40 -7.90
N GLU F 155 -0.17 -44.31 -8.83
CA GLU F 155 -0.99 -44.51 -10.01
C GLU F 155 -2.37 -45.05 -9.64
N GLU F 156 -2.40 -46.07 -8.77
CA GLU F 156 -3.68 -46.61 -8.31
C GLU F 156 -4.47 -45.56 -7.54
N ALA F 157 -3.79 -44.71 -6.77
CA ALA F 157 -4.47 -43.64 -6.06
C ALA F 157 -5.08 -42.64 -7.04
N ALA F 158 -4.34 -42.30 -8.10
CA ALA F 158 -4.87 -41.39 -9.11
C ALA F 158 -6.05 -42.02 -9.86
N ARG F 159 -5.93 -43.29 -10.26
CA ARG F 159 -6.92 -43.90 -11.14
C ARG F 159 -8.26 -44.17 -10.45
N GLN F 160 -8.25 -44.42 -9.14
CA GLN F 160 -9.52 -44.56 -8.43
C GLN F 160 -10.22 -43.22 -8.29
N ALA F 161 -9.47 -42.11 -8.22
CA ALA F 161 -10.09 -40.79 -8.08
C ALA F 161 -10.93 -40.43 -9.30
N GLU F 162 -10.53 -40.89 -10.48
CA GLU F 162 -11.28 -40.60 -11.69
C GLU F 162 -12.69 -41.19 -11.64
N GLU F 163 -12.85 -42.34 -10.99
CA GLU F 163 -14.17 -42.96 -10.90
C GLU F 163 -15.11 -42.13 -10.04
N ILE F 164 -14.68 -41.77 -8.84
CA ILE F 164 -15.51 -40.90 -7.99
C ILE F 164 -15.67 -39.54 -8.66
N ALA F 165 -14.72 -39.16 -9.52
CA ALA F 165 -14.83 -37.89 -10.22
C ALA F 165 -15.93 -37.92 -11.28
N ARG F 166 -15.98 -39.00 -12.04
CA ARG F 166 -16.92 -39.08 -13.18
C ARG F 166 -18.24 -39.64 -12.69
N GLN F 167 -18.22 -40.38 -11.59
CA GLN F 167 -19.43 -41.03 -11.04
C GLN F 167 -19.99 -40.16 -9.91
N ALA F 168 -19.92 -38.85 -10.08
CA ALA F 168 -20.38 -37.88 -9.08
C ALA F 168 -20.60 -36.55 -9.79
N ARG F 169 -19.68 -36.16 -10.67
CA ARG F 169 -19.78 -34.91 -11.40
C ARG F 169 -20.80 -35.02 -12.55
#